data_9ET3
#
_entry.id   9ET3
#
_cell.length_a   74.121
_cell.length_b   133.849
_cell.length_c   148.042
_cell.angle_alpha   90
_cell.angle_beta   90
_cell.angle_gamma   90
#
_symmetry.space_group_name_H-M   'P 21 21 21'
#
loop_
_entity.id
_entity.type
_entity.pdbx_description
1 polymer Cyclin-A2
2 polymer 'Cyclin-dependent kinase 2'
3 non-polymer 6-bromo-1,3-dihydro-2H-indol-2-one
4 water water
#
loop_
_entity_poly.entity_id
_entity_poly.type
_entity_poly.pdbx_seq_one_letter_code
_entity_poly.pdbx_strand_id
1 'polypeptide(L)'
;GVNEVPDYHEDIHTYLREMEVKCKPKVGYMKKQPDITNSMRAILVDWLVEVGEEYKLQNETLHLAVNYIDRFLSSMSVLR
GKLQLVGTAAMLLASKFEEIYPPEVAEFVYITDDTYTKKQVLRMEHLVLKVLAFDLAAPTINQFLTQYFLHQQPANCKVE
SLAMFLGELSLIDADPYLKYLPSVIAAAAFHLALYTVTGQSWPESLVQKTGYTLETLKPCLLDLHQTYLRAPQHAQQSIR
EKYKNSKYHGVSLLNPPETLNVHHHHHH
;
D,B
2 'polypeptide(L)'
;GPGSMENFQKVEKIGEGTYGVVYKARNKLTGEVVALKKIRLDTETEGVPSTAIREISLLKELNHPNIVKLLDVIHTENKL
YLVFEFLHQDLKKFMDASALTGIPLPLIKSYLFQLLQGLAFCHSHRVLHRDLKPQNLLINTEGAIKLADFGLARAFGVPV
RTY(TPO)HEVVTLWYRAPEILLGCKYYSTAVDIWSLGCIFAEMVTRRALFPGDSEIDQLFRIFRTLGTPDEVVWPGVTS
MPDYKPSFPKWARQDFSKVVPPLDEDGRSLLSQMLHYDPNKRISAKAALAHPFFQDVTKPVPHLRL
;
A,C
#
loop_
_chem_comp.id
_chem_comp.type
_chem_comp.name
_chem_comp.formula
1P8 non-polymer 6-bromo-1,3-dihydro-2H-indol-2-one 'C8 H6 Br N O'
#
# COMPACT_ATOMS: atom_id res chain seq x y z
N GLY A 1 -0.48 -4.88 39.26
CA GLY A 1 -1.30 -6.09 39.09
C GLY A 1 -1.76 -6.28 37.65
N VAL A 2 -3.04 -6.60 37.44
CA VAL A 2 -3.62 -6.78 36.12
C VAL A 2 -3.56 -5.46 35.34
N ASN A 3 -3.58 -4.32 36.07
CA ASN A 3 -3.42 -3.01 35.47
C ASN A 3 -2.12 -2.92 34.66
N GLU A 4 -1.11 -3.73 35.01
CA GLU A 4 0.19 -3.69 34.33
C GLU A 4 0.26 -4.78 33.27
N VAL A 5 -0.86 -5.47 33.05
CA VAL A 5 -1.03 -6.56 32.09
C VAL A 5 0.19 -7.50 31.99
N PRO A 6 0.51 -8.23 33.08
CA PRO A 6 1.71 -9.08 33.12
C PRO A 6 1.79 -10.11 32.00
N ASP A 7 0.65 -10.71 31.68
CA ASP A 7 0.60 -11.79 30.70
C ASP A 7 0.76 -11.24 29.27
N TYR A 8 0.73 -9.89 29.10
CA TYR A 8 0.69 -9.31 27.76
C TYR A 8 1.71 -8.20 27.51
N HIS A 9 2.27 -7.61 28.58
CA HIS A 9 3.21 -6.47 28.46
C HIS A 9 4.25 -6.69 27.36
N GLU A 10 4.77 -7.91 27.23
CA GLU A 10 5.81 -8.18 26.26
C GLU A 10 5.22 -8.27 24.86
N ASP A 11 4.17 -9.07 24.68
CA ASP A 11 3.56 -9.23 23.37
C ASP A 11 3.20 -7.87 22.79
N ILE A 12 2.72 -6.97 23.67
CA ILE A 12 2.28 -5.62 23.36
C ILE A 12 3.49 -4.77 22.98
N HIS A 13 4.61 -4.90 23.73
CA HIS A 13 5.84 -4.20 23.41
C HIS A 13 6.32 -4.54 21.99
N THR A 14 6.36 -5.84 21.69
CA THR A 14 6.80 -6.27 20.36
C THR A 14 5.90 -5.64 19.31
N TYR A 15 4.57 -5.67 19.55
CA TYR A 15 3.60 -5.25 18.54
C TYR A 15 3.78 -3.77 18.26
N LEU A 16 3.93 -2.98 19.34
CA LEU A 16 4.18 -1.55 19.22
C LEU A 16 5.47 -1.30 18.45
N ARG A 17 6.50 -2.12 18.69
CA ARG A 17 7.79 -1.91 18.06
C ARG A 17 7.67 -1.99 16.53
N GLU A 18 6.79 -2.88 16.06
CA GLU A 18 6.61 -3.13 14.63
C GLU A 18 5.73 -2.05 14.02
N MET A 19 4.66 -1.70 14.76
CA MET A 19 3.70 -0.72 14.28
C MET A 19 4.37 0.63 14.08
N GLU A 20 5.26 1.02 15.03
CA GLU A 20 5.95 2.31 14.93
C GLU A 20 6.75 2.37 13.63
N VAL A 21 7.26 1.23 13.18
CA VAL A 21 8.00 1.21 11.93
C VAL A 21 7.03 1.51 10.77
N LYS A 22 5.77 1.07 10.88
CA LYS A 22 4.85 1.19 9.76
C LYS A 22 4.02 2.48 9.81
N CYS A 23 3.84 3.05 11.02
CA CYS A 23 3.02 4.23 11.23
C CYS A 23 3.94 5.46 11.26
N LYS A 24 5.12 5.32 10.64
CA LYS A 24 6.19 6.30 10.71
C LYS A 24 6.10 7.24 9.52
N PRO A 25 6.10 8.58 9.73
CA PRO A 25 6.12 9.53 8.61
C PRO A 25 7.39 9.46 7.77
N LYS A 26 7.37 10.07 6.57
CA LYS A 26 8.55 10.29 5.74
C LYS A 26 9.50 11.27 6.44
N VAL A 27 10.80 10.91 6.55
CA VAL A 27 11.86 11.81 6.98
C VAL A 27 12.03 12.88 5.90
N GLY A 28 12.18 14.16 6.28
CA GLY A 28 12.21 15.25 5.30
C GLY A 28 11.10 15.12 4.25
N TYR A 29 9.86 14.90 4.70
CA TYR A 29 8.68 15.20 3.90
C TYR A 29 8.64 16.71 3.67
N MET A 30 9.27 17.47 4.58
CA MET A 30 9.13 18.91 4.59
C MET A 30 9.88 19.55 3.41
N LYS A 31 10.91 18.86 2.93
CA LYS A 31 11.65 19.33 1.76
C LYS A 31 10.81 19.19 0.49
N LYS A 32 9.79 18.31 0.50
CA LYS A 32 8.93 18.14 -0.66
C LYS A 32 7.63 18.94 -0.54
N GLN A 33 7.44 19.68 0.57
CA GLN A 33 6.33 20.62 0.73
C GLN A 33 6.76 22.00 0.26
N PRO A 34 6.27 22.50 -0.90
CA PRO A 34 6.74 23.78 -1.46
C PRO A 34 6.30 24.99 -0.64
N ASP A 35 5.21 24.84 0.14
CA ASP A 35 4.58 26.01 0.73
C ASP A 35 4.78 26.08 2.24
N ILE A 36 5.28 25.01 2.87
CA ILE A 36 5.42 25.05 4.31
C ILE A 36 6.80 24.51 4.73
N THR A 37 7.20 24.82 5.99
CA THR A 37 8.56 24.63 6.48
C THR A 37 8.51 23.97 7.86
N ASN A 38 9.68 23.57 8.38
CA ASN A 38 9.85 23.06 9.75
C ASN A 38 9.36 24.06 10.81
N SER A 39 9.62 25.34 10.57
CA SER A 39 9.30 26.42 11.48
C SER A 39 7.78 26.56 11.62
N MET A 40 7.06 26.40 10.50
CA MET A 40 5.61 26.53 10.54
C MET A 40 5.03 25.34 11.34
N ARG A 41 5.61 24.16 11.13
CA ARG A 41 5.16 22.98 11.86
C ARG A 41 5.32 23.17 13.36
N ALA A 42 6.46 23.76 13.75
CA ALA A 42 6.80 24.04 15.13
C ALA A 42 5.73 24.94 15.72
N ILE A 43 5.36 25.99 14.98
CA ILE A 43 4.30 26.84 15.48
C ILE A 43 3.01 26.03 15.69
N LEU A 44 2.70 25.14 14.75
CA LEU A 44 1.46 24.37 14.79
C LEU A 44 1.47 23.43 16.01
N VAL A 45 2.58 22.71 16.23
CA VAL A 45 2.64 21.73 17.31
C VAL A 45 2.55 22.44 18.67
N ASP A 46 3.28 23.54 18.80
CA ASP A 46 3.29 24.34 20.01
C ASP A 46 1.87 24.83 20.32
N TRP A 47 1.12 25.15 19.26
CA TRP A 47 -0.26 25.58 19.48
C TRP A 47 -1.13 24.42 19.96
N LEU A 48 -0.92 23.22 19.38
CA LEU A 48 -1.61 22.03 19.84
C LEU A 48 -1.38 21.73 21.32
N VAL A 49 -0.15 21.97 21.81
CA VAL A 49 0.17 21.85 23.22
C VAL A 49 -0.76 22.74 24.04
N GLU A 50 -0.85 24.00 23.65
CA GLU A 50 -1.64 24.97 24.38
C GLU A 50 -3.13 24.61 24.34
N VAL A 51 -3.62 24.19 23.18
CA VAL A 51 -4.96 23.64 23.02
C VAL A 51 -5.18 22.50 24.00
N GLY A 52 -4.24 21.54 24.00
CA GLY A 52 -4.29 20.39 24.88
C GLY A 52 -4.45 20.81 26.34
N GLU A 53 -3.73 21.88 26.70
CA GLU A 53 -3.65 22.38 28.07
C GLU A 53 -4.95 23.11 28.40
N GLU A 54 -5.38 24.01 27.51
CA GLU A 54 -6.65 24.69 27.67
C GLU A 54 -7.79 23.70 27.92
N TYR A 55 -7.84 22.58 27.17
CA TYR A 55 -8.99 21.68 27.24
C TYR A 55 -8.75 20.50 28.19
N LYS A 56 -7.59 20.52 28.89
CA LYS A 56 -7.23 19.48 29.84
C LYS A 56 -7.22 18.12 29.14
N LEU A 57 -6.57 18.03 27.97
CA LEU A 57 -6.53 16.78 27.22
C LEU A 57 -5.35 15.94 27.70
N GLN A 58 -5.41 14.63 27.37
CA GLN A 58 -4.32 13.72 27.66
C GLN A 58 -3.12 14.10 26.80
N ASN A 59 -1.92 13.82 27.31
CA ASN A 59 -0.71 14.00 26.54
C ASN A 59 -0.74 13.03 25.36
N GLU A 60 -1.34 11.86 25.58
CA GLU A 60 -1.42 10.80 24.57
C GLU A 60 -2.12 11.38 23.33
N THR A 61 -3.20 12.14 23.57
CA THR A 61 -3.95 12.79 22.52
C THR A 61 -3.03 13.68 21.69
N LEU A 62 -2.22 14.51 22.35
CA LEU A 62 -1.31 15.44 21.66
C LEU A 62 -0.34 14.67 20.76
N HIS A 63 0.22 13.58 21.29
CA HIS A 63 1.18 12.77 20.57
C HIS A 63 0.49 12.20 19.33
N LEU A 64 -0.73 11.65 19.50
CA LEU A 64 -1.44 11.06 18.37
C LEU A 64 -1.64 12.07 17.22
N ALA A 65 -2.07 13.29 17.58
CA ALA A 65 -2.37 14.30 16.58
C ALA A 65 -1.13 14.65 15.76
N VAL A 66 0.01 14.75 16.46
CA VAL A 66 1.27 15.03 15.81
C VAL A 66 1.59 13.91 14.82
N ASN A 67 1.42 12.65 15.23
CA ASN A 67 1.62 11.55 14.29
C ASN A 67 0.72 11.69 13.07
N TYR A 68 -0.55 12.07 13.31
CA TYR A 68 -1.54 12.15 12.25
C TYR A 68 -1.12 13.24 11.26
N ILE A 69 -0.62 14.38 11.80
CA ILE A 69 -0.20 15.52 10.98
C ILE A 69 1.00 15.15 10.11
N ASP A 70 2.01 14.54 10.72
CA ASP A 70 3.22 14.21 9.96
C ASP A 70 2.92 13.19 8.88
N ARG A 71 2.04 12.21 9.16
CA ARG A 71 1.73 11.22 8.13
C ARG A 71 0.93 11.87 7.00
N PHE A 72 0.00 12.76 7.40
CA PHE A 72 -0.84 13.44 6.43
C PHE A 72 0.03 14.28 5.49
N LEU A 73 0.93 15.11 6.07
CA LEU A 73 1.79 15.98 5.29
C LEU A 73 2.85 15.18 4.52
N SER A 74 2.98 13.88 4.87
CA SER A 74 3.84 12.97 4.14
C SER A 74 3.25 12.58 2.78
N SER A 75 1.94 12.82 2.57
CA SER A 75 1.20 12.36 1.40
C SER A 75 0.63 13.53 0.60
N MET A 76 0.27 14.63 1.28
CA MET A 76 -0.53 15.70 0.70
C MET A 76 0.18 17.04 0.82
N SER A 77 0.37 17.73 -0.32
CA SER A 77 0.79 19.13 -0.33
C SER A 77 -0.28 19.96 0.34
N VAL A 78 0.12 20.81 1.28
CA VAL A 78 -0.80 21.72 1.96
C VAL A 78 -0.22 23.11 1.85
N LEU A 79 -1.06 24.08 1.47
CA LEU A 79 -0.70 25.48 1.50
C LEU A 79 -0.66 25.97 2.95
N ARG A 80 0.14 27.01 3.20
CA ARG A 80 0.30 27.62 4.52
C ARG A 80 -1.04 27.96 5.18
N GLY A 81 -1.97 28.52 4.40
CA GLY A 81 -3.25 29.01 4.91
C GLY A 81 -4.12 27.86 5.41
N LYS A 82 -3.69 26.61 5.13
CA LYS A 82 -4.51 25.45 5.40
C LYS A 82 -3.84 24.53 6.42
N LEU A 83 -2.60 24.84 6.80
CA LEU A 83 -1.87 24.03 7.78
C LEU A 83 -2.64 23.91 9.10
N GLN A 84 -3.17 25.02 9.59
CA GLN A 84 -3.86 24.99 10.87
C GLN A 84 -5.15 24.18 10.74
N LEU A 85 -5.71 24.11 9.53
CA LEU A 85 -6.92 23.32 9.39
C LEU A 85 -6.57 21.83 9.52
N VAL A 86 -5.41 21.42 9.00
CA VAL A 86 -4.97 20.04 9.10
C VAL A 86 -4.77 19.69 10.56
N GLY A 87 -4.17 20.63 11.31
CA GLY A 87 -3.84 20.36 12.69
C GLY A 87 -5.08 20.25 13.58
N THR A 88 -6.06 21.15 13.35
CA THR A 88 -7.31 21.16 14.09
C THR A 88 -8.07 19.85 13.88
N ALA A 89 -8.17 19.41 12.61
CA ALA A 89 -8.86 18.16 12.32
C ALA A 89 -8.11 17.01 12.98
N ALA A 90 -6.78 17.08 13.00
CA ALA A 90 -5.98 16.01 13.56
C ALA A 90 -6.26 15.86 15.06
N MET A 91 -6.25 17.00 15.77
CA MET A 91 -6.48 17.01 17.21
C MET A 91 -7.90 16.52 17.54
N LEU A 92 -8.87 16.85 16.67
CA LEU A 92 -10.24 16.39 16.82
C LEU A 92 -10.25 14.87 16.71
N LEU A 93 -9.56 14.35 15.70
CA LEU A 93 -9.57 12.92 15.47
C LEU A 93 -8.98 12.23 16.68
N ALA A 94 -7.81 12.77 17.11
CA ALA A 94 -7.07 12.16 18.19
C ALA A 94 -7.93 12.18 19.46
N SER A 95 -8.71 13.25 19.63
CA SER A 95 -9.61 13.39 20.77
C SER A 95 -10.74 12.37 20.68
N LYS A 96 -11.33 12.18 19.50
CA LYS A 96 -12.34 11.14 19.33
C LYS A 96 -11.76 9.76 19.67
N PHE A 97 -10.48 9.53 19.31
CA PHE A 97 -9.85 8.23 19.49
C PHE A 97 -9.61 8.01 20.98
N GLU A 98 -9.00 9.01 21.64
CA GLU A 98 -8.29 8.79 22.88
C GLU A 98 -9.07 9.21 24.12
N GLU A 99 -9.88 10.27 24.07
CA GLU A 99 -10.45 10.88 25.27
C GLU A 99 -11.81 10.28 25.65
N ILE A 100 -12.06 10.20 26.96
CA ILE A 100 -13.38 9.81 27.44
C ILE A 100 -14.40 10.86 27.03
N TYR A 101 -14.09 12.13 27.33
CA TYR A 101 -14.94 13.26 26.99
C TYR A 101 -14.23 14.20 26.00
N PRO A 102 -14.23 13.91 24.68
CA PRO A 102 -13.58 14.83 23.74
C PRO A 102 -14.33 16.17 23.76
N PRO A 103 -13.67 17.30 23.44
CA PRO A 103 -14.39 18.55 23.17
C PRO A 103 -15.28 18.35 21.94
N GLU A 104 -16.41 19.06 21.90
CA GLU A 104 -17.23 19.11 20.70
C GLU A 104 -16.50 19.81 19.56
N VAL A 105 -17.00 19.58 18.34
CA VAL A 105 -16.46 20.19 17.14
C VAL A 105 -16.39 21.70 17.32
N ALA A 106 -17.49 22.31 17.82
CA ALA A 106 -17.61 23.75 17.99
C ALA A 106 -16.44 24.34 18.77
N GLU A 107 -15.89 23.56 19.71
CA GLU A 107 -14.70 24.03 20.42
C GLU A 107 -13.46 23.98 19.55
N PHE A 108 -13.36 22.99 18.67
CA PHE A 108 -12.24 22.99 17.76
C PHE A 108 -12.32 24.17 16.79
N VAL A 109 -13.54 24.63 16.47
CA VAL A 109 -13.70 25.78 15.58
C VAL A 109 -13.29 27.05 16.33
N TYR A 110 -13.62 27.09 17.62
CA TYR A 110 -13.45 28.27 18.43
C TYR A 110 -11.97 28.61 18.57
N ILE A 111 -11.16 27.59 18.87
CA ILE A 111 -9.72 27.77 19.06
C ILE A 111 -9.03 28.25 17.79
N THR A 112 -9.64 28.09 16.60
CA THR A 112 -9.04 28.59 15.36
C THR A 112 -9.43 30.05 15.11
N ASP A 113 -10.16 30.64 16.07
CA ASP A 113 -10.45 32.06 16.08
C ASP A 113 -11.31 32.42 14.87
N ASP A 114 -12.19 31.48 14.48
CA ASP A 114 -13.03 31.56 13.28
C ASP A 114 -12.22 31.76 11.99
N THR A 115 -10.97 31.28 11.92
CA THR A 115 -10.26 31.28 10.66
C THR A 115 -10.99 30.33 9.69
N TYR A 116 -11.53 29.23 10.23
CA TYR A 116 -12.15 28.18 9.44
C TYR A 116 -13.56 27.98 9.96
N THR A 117 -14.46 27.52 9.07
CA THR A 117 -15.83 27.18 9.45
C THR A 117 -15.88 25.75 10.00
N LYS A 118 -16.99 25.44 10.66
CA LYS A 118 -17.23 24.11 11.17
C LYS A 118 -17.24 23.09 10.02
N LYS A 119 -17.76 23.51 8.86
CA LYS A 119 -17.85 22.63 7.70
C LYS A 119 -16.45 22.25 7.21
N GLN A 120 -15.53 23.23 7.22
CA GLN A 120 -14.15 23.01 6.79
C GLN A 120 -13.49 22.01 7.73
N VAL A 121 -13.72 22.17 9.04
CA VAL A 121 -13.09 21.27 9.99
C VAL A 121 -13.59 19.83 9.79
N LEU A 122 -14.90 19.69 9.53
CA LEU A 122 -15.57 18.41 9.43
C LEU A 122 -15.20 17.71 8.12
N ARG A 123 -15.09 18.49 7.04
CA ARG A 123 -14.61 18.00 5.76
C ARG A 123 -13.13 17.59 5.83
N MET A 124 -12.31 18.35 6.57
CA MET A 124 -10.89 18.01 6.72
C MET A 124 -10.78 16.74 7.56
N GLU A 125 -11.64 16.60 8.57
CA GLU A 125 -11.64 15.38 9.38
C GLU A 125 -11.78 14.17 8.46
N HIS A 126 -12.73 14.27 7.53
CA HIS A 126 -12.98 13.15 6.65
C HIS A 126 -11.78 12.93 5.74
N LEU A 127 -11.20 14.02 5.22
CA LEU A 127 -10.05 13.89 4.33
C LEU A 127 -8.91 13.19 5.06
N VAL A 128 -8.69 13.56 6.32
CA VAL A 128 -7.60 13.01 7.08
C VAL A 128 -7.80 11.51 7.27
N LEU A 129 -9.04 11.10 7.59
CA LEU A 129 -9.38 9.69 7.78
C LEU A 129 -9.06 8.89 6.51
N LYS A 130 -9.38 9.46 5.36
CA LYS A 130 -9.12 8.85 4.05
C LYS A 130 -7.63 8.69 3.83
N VAL A 131 -6.87 9.77 3.99
CA VAL A 131 -5.45 9.75 3.66
C VAL A 131 -4.72 8.76 4.56
N LEU A 132 -5.15 8.64 5.82
CA LEU A 132 -4.56 7.72 6.77
C LEU A 132 -5.22 6.36 6.66
N ALA A 133 -6.27 6.24 5.83
CA ALA A 133 -6.96 4.97 5.65
C ALA A 133 -7.46 4.45 7.01
N PHE A 134 -7.87 5.36 7.91
CA PHE A 134 -8.38 5.03 9.23
C PHE A 134 -7.38 4.27 10.12
N ASP A 135 -6.07 4.36 9.85
CA ASP A 135 -5.08 3.79 10.76
C ASP A 135 -4.70 4.82 11.79
N LEU A 136 -5.44 4.81 12.92
CA LEU A 136 -5.29 5.86 13.90
C LEU A 136 -4.57 5.35 15.14
N ALA A 137 -4.44 4.03 15.29
CA ALA A 137 -3.91 3.47 16.51
C ALA A 137 -2.38 3.45 16.50
N ALA A 138 -1.77 4.61 16.22
CA ALA A 138 -0.32 4.82 16.17
C ALA A 138 0.32 4.68 17.55
N PRO A 139 1.44 3.95 17.65
CA PRO A 139 2.25 4.01 18.88
C PRO A 139 2.93 5.37 18.98
N THR A 140 2.97 5.91 20.20
CA THR A 140 3.56 7.19 20.57
C THR A 140 4.73 7.00 21.55
N ILE A 141 5.59 8.02 21.60
CA ILE A 141 6.62 8.16 22.62
C ILE A 141 6.02 7.89 23.99
N ASN A 142 4.80 8.39 24.19
CA ASN A 142 4.15 8.39 25.47
C ASN A 142 3.83 6.94 25.87
N GLN A 143 3.52 6.10 24.88
CA GLN A 143 3.10 4.72 25.08
C GLN A 143 4.31 3.87 25.47
N PHE A 144 5.51 4.33 25.09
CA PHE A 144 6.76 3.70 25.48
C PHE A 144 7.14 4.15 26.89
N LEU A 145 7.28 5.46 27.14
CA LEU A 145 7.50 6.02 28.46
C LEU A 145 6.66 5.35 29.56
N THR A 146 5.37 5.14 29.28
CA THR A 146 4.46 4.71 30.33
C THR A 146 4.87 3.31 30.79
N GLN A 147 5.44 2.55 29.84
CA GLN A 147 6.01 1.23 30.03
C GLN A 147 7.37 1.34 30.72
N TYR A 148 8.24 2.24 30.23
CA TYR A 148 9.59 2.41 30.73
C TYR A 148 9.53 2.75 32.23
N PHE A 149 8.53 3.54 32.64
CA PHE A 149 8.36 4.00 34.01
C PHE A 149 8.04 2.85 34.97
N LEU A 150 7.65 1.69 34.44
CA LEU A 150 7.43 0.54 35.30
C LEU A 150 8.77 -0.01 35.84
N HIS A 151 9.87 0.19 35.10
CA HIS A 151 11.17 -0.34 35.49
C HIS A 151 11.95 0.67 36.33
N GLN A 152 11.24 1.38 37.21
CA GLN A 152 11.83 2.36 38.09
C GLN A 152 11.86 1.78 39.50
N GLN A 153 12.81 2.25 40.33
CA GLN A 153 12.83 1.83 41.72
C GLN A 153 13.50 2.90 42.57
N PRO A 154 12.74 3.68 43.38
CA PRO A 154 11.27 3.67 43.37
C PRO A 154 10.72 4.37 42.12
N ALA A 155 9.41 4.63 42.11
CA ALA A 155 8.88 5.62 41.19
C ALA A 155 9.23 7.01 41.73
N ASN A 156 9.86 7.85 40.90
CA ASN A 156 9.97 9.28 41.21
C ASN A 156 9.10 10.07 40.23
N CYS A 157 8.27 10.95 40.78
CA CYS A 157 7.24 11.69 40.06
C CYS A 157 7.84 12.93 39.39
N LYS A 158 9.10 13.22 39.72
CA LYS A 158 9.88 14.26 39.07
C LYS A 158 10.49 13.71 37.77
N VAL A 159 10.93 12.45 37.82
CA VAL A 159 11.55 11.82 36.66
C VAL A 159 10.48 11.62 35.59
N GLU A 160 9.30 11.13 36.01
CA GLU A 160 8.17 10.91 35.11
C GLU A 160 7.84 12.21 34.38
N SER A 161 7.48 13.25 35.15
CA SER A 161 7.26 14.57 34.58
C SER A 161 8.38 14.93 33.58
N LEU A 162 9.64 14.90 34.03
CA LEU A 162 10.74 15.39 33.22
C LEU A 162 10.88 14.54 31.95
N ALA A 163 10.59 13.25 32.03
CA ALA A 163 10.63 12.42 30.83
C ALA A 163 9.53 12.84 29.85
N MET A 164 8.32 13.14 30.36
CA MET A 164 7.21 13.51 29.50
C MET A 164 7.54 14.80 28.77
N PHE A 165 8.06 15.76 29.55
CA PHE A 165 8.51 17.06 29.09
C PHE A 165 9.47 16.91 27.92
N LEU A 166 10.50 16.07 28.05
CA LEU A 166 11.52 16.01 27.02
C LEU A 166 10.92 15.42 25.76
N GLY A 167 10.14 14.35 25.93
CA GLY A 167 9.44 13.69 24.83
C GLY A 167 8.60 14.68 24.02
N GLU A 168 7.90 15.58 24.73
CA GLU A 168 7.09 16.60 24.10
C GLU A 168 7.96 17.60 23.34
N LEU A 169 9.09 18.01 23.92
CA LEU A 169 9.97 18.96 23.22
C LEU A 169 10.31 18.44 21.83
N SER A 170 10.51 17.11 21.71
CA SER A 170 10.86 16.52 20.43
C SER A 170 9.74 16.67 19.38
N LEU A 171 8.47 16.78 19.82
CA LEU A 171 7.30 16.91 18.92
C LEU A 171 7.42 18.18 18.09
N ILE A 172 8.10 19.21 18.63
CA ILE A 172 8.12 20.54 18.05
C ILE A 172 9.00 20.56 16.81
N ASP A 173 10.05 19.73 16.80
CA ASP A 173 11.19 19.95 15.93
C ASP A 173 11.32 18.80 14.92
N ALA A 174 10.80 18.99 13.71
CA ALA A 174 10.81 17.95 12.69
C ALA A 174 12.25 17.56 12.43
N ASP A 175 13.08 18.59 12.33
CA ASP A 175 14.52 18.47 12.27
C ASP A 175 15.05 18.72 13.68
N PRO A 176 15.59 17.72 14.41
CA PRO A 176 15.92 16.40 13.82
C PRO A 176 15.04 15.18 14.03
N TYR A 177 13.96 15.31 14.83
CA TYR A 177 13.38 14.19 15.56
C TYR A 177 12.54 13.25 14.68
N LEU A 178 12.28 13.63 13.42
CA LEU A 178 11.58 12.78 12.47
C LEU A 178 12.38 11.53 12.12
N LYS A 179 13.71 11.60 12.27
CA LYS A 179 14.52 10.49 11.81
C LYS A 179 14.60 9.41 12.89
N TYR A 180 14.04 9.68 14.08
CA TYR A 180 14.05 8.74 15.20
C TYR A 180 12.67 8.16 15.48
N LEU A 181 12.65 6.87 15.82
CA LEU A 181 11.44 6.15 16.16
C LEU A 181 10.93 6.59 17.53
N PRO A 182 9.60 6.56 17.79
CA PRO A 182 9.10 6.92 19.12
C PRO A 182 9.74 6.15 20.27
N SER A 183 10.01 4.85 20.05
CA SER A 183 10.60 4.00 21.08
C SER A 183 12.02 4.48 21.43
N VAL A 184 12.79 4.95 20.43
CA VAL A 184 14.14 5.46 20.62
C VAL A 184 14.09 6.82 21.31
N ILE A 185 13.19 7.70 20.85
CA ILE A 185 13.08 9.00 21.48
C ILE A 185 12.68 8.81 22.93
N ALA A 186 11.82 7.82 23.19
CA ALA A 186 11.29 7.63 24.54
C ALA A 186 12.42 7.25 25.49
N ALA A 187 13.30 6.35 25.04
CA ALA A 187 14.43 5.90 25.85
C ALA A 187 15.33 7.09 26.19
N ALA A 188 15.77 7.80 25.15
CA ALA A 188 16.62 8.96 25.35
C ALA A 188 16.05 9.84 26.46
N ALA A 189 14.75 10.09 26.41
CA ALA A 189 14.14 10.99 27.38
C ALA A 189 14.19 10.40 28.79
N PHE A 190 13.90 9.09 28.91
CA PHE A 190 13.92 8.41 30.20
C PHE A 190 15.28 8.63 30.86
N HIS A 191 16.34 8.25 30.14
CA HIS A 191 17.69 8.40 30.65
C HIS A 191 17.92 9.85 31.09
N LEU A 192 17.85 10.77 30.14
CA LEU A 192 18.12 12.17 30.44
C LEU A 192 17.42 12.57 31.73
N ALA A 193 16.15 12.18 31.87
CA ALA A 193 15.36 12.61 33.03
C ALA A 193 15.95 12.04 34.32
N LEU A 194 16.21 10.72 34.31
CA LEU A 194 16.82 10.06 35.46
C LEU A 194 18.10 10.81 35.86
N TYR A 195 19.11 10.79 34.98
CA TYR A 195 20.37 11.48 35.19
C TYR A 195 20.12 12.83 35.84
N THR A 196 19.39 13.69 35.15
CA THR A 196 19.15 15.04 35.63
C THR A 196 18.73 15.05 37.11
N VAL A 197 17.87 14.11 37.51
CA VAL A 197 17.29 14.14 38.84
C VAL A 197 18.03 13.21 39.81
N THR A 198 18.30 11.97 39.38
CA THR A 198 18.79 10.94 40.29
C THR A 198 20.30 10.75 40.12
N GLY A 199 20.79 10.99 38.90
CA GLY A 199 22.18 10.68 38.59
C GLY A 199 22.28 9.25 38.07
N GLN A 200 21.23 8.46 38.34
CA GLN A 200 21.11 7.11 37.79
C GLN A 200 20.93 7.21 36.28
N SER A 201 21.30 6.13 35.56
CA SER A 201 21.20 6.15 34.11
C SER A 201 20.39 4.95 33.62
N TRP A 202 20.17 4.87 32.30
CA TRP A 202 19.31 3.93 31.59
C TRP A 202 19.38 2.55 32.26
N PRO A 203 18.32 2.12 33.00
CA PRO A 203 18.31 0.81 33.66
C PRO A 203 18.62 -0.38 32.77
N GLU A 204 19.22 -1.39 33.41
CA GLU A 204 19.60 -2.65 32.81
C GLU A 204 18.32 -3.42 32.39
N SER A 205 17.37 -3.52 33.32
CA SER A 205 16.09 -4.17 33.07
C SER A 205 15.48 -3.72 31.73
N LEU A 206 15.62 -2.43 31.41
CA LEU A 206 15.12 -1.83 30.17
C LEU A 206 16.05 -2.07 28.98
N VAL A 207 17.28 -2.53 29.23
CA VAL A 207 18.18 -2.89 28.15
C VAL A 207 17.71 -4.22 27.54
N GLN A 208 17.21 -5.10 28.41
CA GLN A 208 16.85 -6.45 27.99
C GLN A 208 15.51 -6.44 27.24
N LYS A 209 14.60 -5.56 27.66
CA LYS A 209 13.28 -5.40 27.04
C LYS A 209 13.42 -4.90 25.60
N THR A 210 14.27 -3.86 25.39
CA THR A 210 14.32 -3.05 24.17
C THR A 210 15.43 -3.48 23.22
N GLY A 211 16.58 -3.87 23.78
CA GLY A 211 17.78 -4.06 22.97
C GLY A 211 18.48 -2.73 22.69
N TYR A 212 18.15 -1.70 23.48
CA TYR A 212 18.72 -0.37 23.30
C TYR A 212 19.75 -0.15 24.42
N THR A 213 20.97 0.27 24.05
CA THR A 213 21.98 0.69 25.01
C THR A 213 22.26 2.18 24.85
N LEU A 214 22.93 2.76 25.86
CA LEU A 214 23.47 4.11 25.72
C LEU A 214 24.29 4.19 24.44
N GLU A 215 24.82 3.05 23.98
CA GLU A 215 25.46 3.01 22.67
C GLU A 215 24.46 3.37 21.57
N THR A 216 23.42 2.53 21.36
CA THR A 216 22.50 2.74 20.25
C THR A 216 21.76 4.08 20.42
N LEU A 217 21.49 4.47 21.66
CA LEU A 217 20.74 5.67 21.96
C LEU A 217 21.60 6.95 22.00
N LYS A 218 22.81 6.92 21.44
CA LYS A 218 23.70 8.05 21.59
C LYS A 218 23.23 9.23 20.72
N PRO A 219 23.11 9.06 19.38
CA PRO A 219 22.68 10.19 18.53
C PRO A 219 21.50 10.97 19.10
N CYS A 220 20.43 10.25 19.49
CA CYS A 220 19.20 10.87 19.97
C CYS A 220 19.46 11.66 21.26
N LEU A 221 20.14 11.02 22.21
CA LEU A 221 20.44 11.68 23.47
C LEU A 221 21.21 12.98 23.22
N LEU A 222 22.20 12.92 22.31
CA LEU A 222 22.94 14.10 21.91
C LEU A 222 21.96 15.21 21.51
N ASP A 223 21.16 14.91 20.48
CA ASP A 223 20.20 15.86 19.94
C ASP A 223 19.28 16.35 21.06
N LEU A 224 18.82 15.43 21.91
CA LEU A 224 17.87 15.75 22.96
C LEU A 224 18.53 16.68 23.98
N HIS A 225 19.78 16.35 24.31
CA HIS A 225 20.52 17.16 25.28
C HIS A 225 20.64 18.61 24.80
N GLN A 226 21.03 18.77 23.53
CA GLN A 226 21.02 20.02 22.80
C GLN A 226 19.68 20.73 22.95
N THR A 227 18.58 20.01 22.66
CA THR A 227 17.25 20.61 22.64
C THR A 227 16.90 21.11 24.03
N TYR A 228 17.22 20.26 25.03
CA TYR A 228 16.97 20.56 26.44
C TYR A 228 17.76 21.79 26.85
N LEU A 229 18.98 21.87 26.30
CA LEU A 229 19.94 22.92 26.64
C LEU A 229 19.42 24.26 26.17
N ARG A 230 18.76 24.24 25.00
CA ARG A 230 18.45 25.45 24.25
C ARG A 230 16.98 25.85 24.39
N ALA A 231 16.22 25.10 25.20
CA ALA A 231 14.77 25.20 25.29
C ALA A 231 14.31 26.62 25.66
N PRO A 232 14.97 27.31 26.62
CA PRO A 232 14.59 28.68 26.97
C PRO A 232 14.80 29.69 25.86
N GLN A 233 15.64 29.36 24.87
CA GLN A 233 15.97 30.24 23.75
C GLN A 233 14.99 30.03 22.59
N HIS A 234 14.45 28.79 22.48
CA HIS A 234 13.61 28.31 21.37
C HIS A 234 12.39 29.21 21.14
N ALA A 235 12.04 29.43 19.86
CA ALA A 235 10.94 30.34 19.56
C ALA A 235 9.62 29.87 20.18
N GLN A 236 9.49 28.56 20.41
CA GLN A 236 8.25 27.97 20.92
C GLN A 236 8.44 27.60 22.39
N GLN A 237 7.49 28.02 23.23
CA GLN A 237 7.64 28.05 24.69
C GLN A 237 6.40 27.49 25.41
N SER A 238 5.49 26.82 24.69
CA SER A 238 4.26 26.37 25.34
C SER A 238 4.55 25.18 26.24
N ILE A 239 5.52 24.36 25.83
CA ILE A 239 5.84 23.15 26.56
C ILE A 239 6.55 23.51 27.87
N ARG A 240 7.50 24.45 27.80
CA ARG A 240 8.13 24.92 29.03
C ARG A 240 7.07 25.50 29.97
N GLU A 241 6.19 26.37 29.46
CA GLU A 241 5.13 26.95 30.28
C GLU A 241 4.26 25.87 30.90
N LYS A 242 3.92 24.84 30.10
CA LYS A 242 3.10 23.73 30.52
C LYS A 242 3.69 23.03 31.74
N TYR A 243 5.00 22.78 31.70
CA TYR A 243 5.68 21.99 32.73
C TYR A 243 6.22 22.85 33.88
N LYS A 244 5.82 24.15 33.95
CA LYS A 244 6.16 24.98 35.11
C LYS A 244 5.15 24.76 36.23
N ASN A 245 3.99 24.20 35.89
CA ASN A 245 2.89 24.00 36.82
C ASN A 245 3.20 22.90 37.83
N SER A 246 2.48 22.96 38.95
CA SER A 246 2.57 22.00 40.03
C SER A 246 2.14 20.60 39.56
N LYS A 247 1.15 20.54 38.66
CA LYS A 247 0.69 19.30 38.04
C LYS A 247 1.86 18.41 37.64
N TYR A 248 2.84 19.00 36.92
CA TYR A 248 4.03 18.29 36.42
C TYR A 248 5.23 18.61 37.30
N HIS A 249 4.98 19.04 38.54
CA HIS A 249 5.98 19.09 39.60
C HIS A 249 7.04 20.17 39.37
N GLY A 250 7.05 20.80 38.18
CA GLY A 250 7.81 22.02 37.92
C GLY A 250 9.19 21.75 37.32
N VAL A 251 9.29 20.71 36.48
CA VAL A 251 10.57 20.16 36.08
C VAL A 251 11.19 20.94 34.93
N SER A 252 10.39 21.82 34.28
CA SER A 252 10.92 22.64 33.20
C SER A 252 11.78 23.75 33.78
N LEU A 253 11.75 23.91 35.11
CA LEU A 253 12.51 24.93 35.82
C LEU A 253 13.88 24.38 36.23
N LEU A 254 13.98 23.07 36.35
CA LEU A 254 15.26 22.41 36.58
C LEU A 254 16.30 22.86 35.55
N ASN A 255 17.57 22.86 35.97
CA ASN A 255 18.72 23.08 35.10
C ASN A 255 19.14 21.77 34.44
N PRO A 256 19.39 21.78 33.10
CA PRO A 256 19.91 20.59 32.41
C PRO A 256 21.28 20.28 32.98
N PRO A 257 21.78 19.03 32.86
CA PRO A 257 23.17 18.72 33.21
C PRO A 257 24.00 19.26 32.06
N GLU A 258 25.21 19.72 32.39
CA GLU A 258 26.15 20.26 31.43
C GLU A 258 26.65 19.13 30.50
N THR A 259 26.75 17.90 31.04
CA THR A 259 27.43 16.80 30.35
C THR A 259 26.81 15.44 30.71
N LEU A 260 27.19 14.42 29.91
CA LEU A 260 26.79 13.03 30.08
C LEU A 260 28.06 12.17 30.16
N ASN A 261 28.15 11.15 29.28
CA ASN A 261 29.42 10.49 29.01
C ASN A 261 30.16 11.27 27.91
N GLY B 3 -9.85 11.02 -1.69
CA GLY B 3 -10.33 11.31 -3.06
C GLY B 3 -11.87 11.35 -3.17
N SER B 4 -12.39 12.52 -3.58
CA SER B 4 -13.81 12.80 -3.83
C SER B 4 -13.98 14.16 -4.54
N MET B 5 -14.87 14.22 -5.55
CA MET B 5 -14.95 15.39 -6.42
C MET B 5 -15.48 16.65 -5.72
N GLU B 6 -16.21 16.46 -4.61
CA GLU B 6 -16.78 17.57 -3.86
C GLU B 6 -15.68 18.52 -3.40
N ASN B 7 -14.47 18.01 -3.10
CA ASN B 7 -13.38 18.81 -2.56
C ASN B 7 -12.59 19.56 -3.62
N PHE B 8 -12.88 19.35 -4.91
CA PHE B 8 -12.18 20.11 -5.94
C PHE B 8 -13.05 21.24 -6.46
N GLN B 9 -12.43 22.38 -6.76
CA GLN B 9 -13.10 23.50 -7.37
C GLN B 9 -12.46 23.76 -8.74
N LYS B 10 -13.19 23.53 -9.85
CA LYS B 10 -12.68 23.71 -11.19
C LYS B 10 -12.32 25.18 -11.40
N VAL B 11 -11.23 25.45 -12.12
CA VAL B 11 -10.72 26.81 -12.18
C VAL B 11 -10.88 27.33 -13.61
N GLU B 12 -10.35 26.58 -14.59
CA GLU B 12 -10.44 26.88 -16.00
C GLU B 12 -9.90 25.69 -16.79
N LYS B 13 -10.21 25.61 -18.10
CA LYS B 13 -9.72 24.55 -18.96
C LYS B 13 -8.28 24.86 -19.37
N ILE B 14 -7.43 23.84 -19.39
CA ILE B 14 -6.03 24.10 -19.68
C ILE B 14 -5.55 23.28 -20.85
N GLY B 15 -6.41 22.40 -21.40
CA GLY B 15 -5.91 21.54 -22.47
C GLY B 15 -6.91 20.50 -22.95
N GLU B 16 -6.50 19.76 -23.98
CA GLU B 16 -7.26 18.61 -24.43
C GLU B 16 -6.27 17.47 -24.62
N GLY B 17 -6.58 16.30 -24.06
CA GLY B 17 -5.67 15.17 -24.11
C GLY B 17 -6.36 13.93 -24.68
N THR B 18 -5.64 12.81 -24.57
CA THR B 18 -6.03 11.53 -25.14
C THR B 18 -7.48 11.19 -24.77
N TYR B 19 -7.97 11.69 -23.63
CA TYR B 19 -9.26 11.24 -23.11
C TYR B 19 -10.28 12.36 -23.04
N GLY B 20 -9.87 13.57 -23.43
CA GLY B 20 -10.82 14.65 -23.32
C GLY B 20 -10.12 15.90 -22.79
N VAL B 21 -10.80 16.61 -21.88
CA VAL B 21 -10.35 17.93 -21.49
C VAL B 21 -9.57 17.83 -20.18
N VAL B 22 -8.54 18.68 -20.08
CA VAL B 22 -7.81 18.85 -18.84
C VAL B 22 -8.26 20.18 -18.21
N TYR B 23 -8.62 20.12 -16.92
CA TYR B 23 -9.01 21.27 -16.14
C TYR B 23 -7.98 21.59 -15.07
N LYS B 24 -7.69 22.87 -14.87
CA LYS B 24 -7.01 23.30 -13.66
C LYS B 24 -8.03 23.38 -12.54
N ALA B 25 -7.76 22.72 -11.40
CA ALA B 25 -8.66 22.74 -10.27
C ALA B 25 -7.89 22.99 -8.98
N ARG B 26 -8.63 23.23 -7.89
CA ARG B 26 -8.05 23.58 -6.61
C ARG B 26 -8.73 22.72 -5.54
N ASN B 27 -7.91 22.03 -4.75
CA ASN B 27 -8.35 21.30 -3.57
C ASN B 27 -8.78 22.29 -2.50
N LYS B 28 -10.02 22.21 -2.02
CA LYS B 28 -10.58 23.28 -1.20
C LYS B 28 -10.13 23.17 0.26
N LEU B 29 -9.64 22.00 0.67
CA LEU B 29 -9.20 21.78 2.03
C LEU B 29 -7.71 22.02 2.21
N THR B 30 -6.89 21.60 1.21
CA THR B 30 -5.44 21.70 1.32
C THR B 30 -4.90 22.91 0.55
N GLY B 31 -5.70 23.43 -0.38
CA GLY B 31 -5.25 24.54 -1.22
C GLY B 31 -4.51 24.05 -2.46
N GLU B 32 -4.26 22.75 -2.54
CA GLU B 32 -3.42 22.26 -3.62
C GLU B 32 -4.07 22.51 -4.99
N VAL B 33 -3.28 22.99 -5.93
CA VAL B 33 -3.70 23.17 -7.31
C VAL B 33 -3.36 21.91 -8.09
N VAL B 34 -4.31 21.38 -8.87
CA VAL B 34 -4.18 20.10 -9.56
C VAL B 34 -4.62 20.24 -11.02
N ALA B 35 -4.24 19.25 -11.82
CA ALA B 35 -4.80 19.08 -13.15
C ALA B 35 -5.72 17.85 -13.12
N LEU B 36 -6.99 18.06 -13.50
CA LEU B 36 -7.99 17.01 -13.68
C LEU B 36 -8.06 16.61 -15.14
N LYS B 37 -7.87 15.31 -15.41
CA LYS B 37 -8.02 14.73 -16.72
C LYS B 37 -9.20 13.77 -16.65
N LYS B 38 -10.22 13.96 -17.49
CA LYS B 38 -11.46 13.19 -17.38
C LYS B 38 -11.56 12.18 -18.52
N ILE B 39 -12.07 10.98 -18.20
CA ILE B 39 -12.22 9.87 -19.14
C ILE B 39 -13.65 9.39 -18.99
N ARG B 40 -14.30 9.06 -20.12
CA ARG B 40 -15.70 8.64 -20.08
C ARG B 40 -15.81 7.14 -20.35
N THR B 45 -19.07 0.93 -24.29
CA THR B 45 -17.98 1.14 -25.28
C THR B 45 -17.08 -0.10 -25.26
N GLU B 46 -15.93 -0.04 -24.55
CA GLU B 46 -15.02 -1.17 -24.35
C GLU B 46 -14.43 -1.15 -22.92
N GLY B 47 -15.15 -0.60 -21.94
CA GLY B 47 -14.62 -0.46 -20.59
C GLY B 47 -13.44 0.52 -20.53
N VAL B 48 -12.55 0.36 -19.54
CA VAL B 48 -11.47 1.34 -19.37
C VAL B 48 -10.48 1.23 -20.54
N PRO B 49 -10.17 2.35 -21.21
CA PRO B 49 -9.32 2.29 -22.41
C PRO B 49 -7.93 1.84 -22.01
N SER B 50 -7.28 1.14 -22.93
CA SER B 50 -5.97 0.57 -22.66
C SER B 50 -4.97 1.68 -22.36
N THR B 51 -5.14 2.84 -23.01
CA THR B 51 -4.24 3.95 -22.74
C THR B 51 -4.34 4.38 -21.28
N ALA B 52 -5.54 4.47 -20.73
CA ALA B 52 -5.68 4.86 -19.33
C ALA B 52 -5.10 3.75 -18.44
N ILE B 53 -5.32 2.49 -18.82
CA ILE B 53 -4.86 1.38 -18.01
C ILE B 53 -3.34 1.44 -17.89
N ARG B 54 -2.66 1.68 -19.02
CA ARG B 54 -1.21 1.79 -18.98
C ARG B 54 -0.81 3.06 -18.23
N GLU B 55 -1.47 4.18 -18.53
CA GLU B 55 -1.00 5.45 -18.03
C GLU B 55 -1.05 5.45 -16.50
N ILE B 56 -2.19 5.03 -15.93
CA ILE B 56 -2.40 5.05 -14.49
C ILE B 56 -1.45 4.06 -13.83
N SER B 57 -1.43 2.81 -14.33
CA SER B 57 -0.64 1.78 -13.66
C SER B 57 0.87 2.08 -13.72
N LEU B 58 1.33 2.66 -14.82
CA LEU B 58 2.74 3.00 -14.93
C LEU B 58 3.12 4.21 -14.10
N LEU B 59 2.26 5.23 -14.06
CA LEU B 59 2.52 6.46 -13.30
C LEU B 59 2.40 6.21 -11.80
N LYS B 60 1.57 5.23 -11.41
CA LYS B 60 1.47 4.83 -10.02
C LYS B 60 2.85 4.47 -9.48
N GLU B 61 3.66 3.72 -10.26
CA GLU B 61 4.93 3.22 -9.73
C GLU B 61 6.12 4.15 -9.99
N LEU B 62 5.96 5.15 -10.86
CA LEU B 62 7.06 6.06 -11.19
C LEU B 62 6.97 7.30 -10.31
N ASN B 63 7.79 7.36 -9.26
CA ASN B 63 7.83 8.51 -8.39
C ASN B 63 9.19 9.15 -8.58
N HIS B 64 9.21 10.33 -9.23
CA HIS B 64 10.49 10.92 -9.56
C HIS B 64 10.23 12.42 -9.71
N PRO B 65 11.17 13.27 -9.28
CA PRO B 65 10.97 14.73 -9.40
C PRO B 65 10.77 15.23 -10.83
N ASN B 66 11.21 14.44 -11.83
CA ASN B 66 11.11 14.89 -13.20
C ASN B 66 10.10 14.05 -13.97
N ILE B 67 9.16 13.41 -13.24
CA ILE B 67 8.04 12.76 -13.85
C ILE B 67 6.79 13.34 -13.19
N VAL B 68 5.81 13.78 -14.00
CA VAL B 68 4.61 14.37 -13.45
C VAL B 68 3.95 13.37 -12.50
N LYS B 69 3.52 13.89 -11.34
CA LYS B 69 2.98 13.09 -10.26
C LYS B 69 1.49 12.84 -10.47
N LEU B 70 1.08 11.58 -10.58
CA LEU B 70 -0.34 11.23 -10.50
C LEU B 70 -0.71 11.17 -9.03
N LEU B 71 -1.62 12.03 -8.58
CA LEU B 71 -1.94 12.15 -7.16
C LEU B 71 -3.03 11.15 -6.77
N ASP B 72 -3.94 10.84 -7.69
CA ASP B 72 -5.17 10.15 -7.32
C ASP B 72 -5.95 9.77 -8.56
N VAL B 73 -6.83 8.78 -8.43
CA VAL B 73 -7.79 8.42 -9.47
C VAL B 73 -9.16 8.31 -8.83
N ILE B 74 -10.16 8.95 -9.43
CA ILE B 74 -11.50 8.91 -8.87
C ILE B 74 -12.44 8.33 -9.92
N HIS B 75 -13.26 7.35 -9.51
CA HIS B 75 -14.39 6.84 -10.27
C HIS B 75 -15.72 7.39 -9.73
N THR B 76 -16.45 8.14 -10.57
CA THR B 76 -17.75 8.70 -10.21
C THR B 76 -18.61 8.81 -11.48
N GLU B 77 -19.89 8.44 -11.38
CA GLU B 77 -20.88 8.62 -12.43
C GLU B 77 -20.34 8.31 -13.83
N ASN B 78 -19.93 7.04 -14.08
CA ASN B 78 -19.46 6.59 -15.38
C ASN B 78 -18.31 7.46 -15.90
N LYS B 79 -17.51 8.02 -14.99
CA LYS B 79 -16.40 8.89 -15.34
C LYS B 79 -15.17 8.49 -14.52
N LEU B 80 -13.98 8.61 -15.13
CA LEU B 80 -12.74 8.41 -14.37
C LEU B 80 -11.96 9.73 -14.41
N TYR B 81 -11.65 10.27 -13.23
CA TYR B 81 -10.83 11.47 -13.12
C TYR B 81 -9.42 11.11 -12.65
N LEU B 82 -8.42 11.53 -13.43
CA LEU B 82 -7.05 11.41 -12.98
C LEU B 82 -6.62 12.77 -12.43
N VAL B 83 -6.15 12.80 -11.17
CA VAL B 83 -5.68 14.01 -10.53
C VAL B 83 -4.16 14.09 -10.62
N PHE B 84 -3.63 14.99 -11.46
CA PHE B 84 -2.20 15.20 -11.49
C PHE B 84 -1.82 16.47 -10.71
N GLU B 85 -0.57 16.54 -10.28
CA GLU B 85 -0.04 17.83 -9.81
C GLU B 85 -0.11 18.85 -10.98
N PHE B 86 -0.32 20.12 -10.65
CA PHE B 86 -0.42 21.19 -11.65
C PHE B 86 0.96 21.75 -12.00
N LEU B 87 1.26 21.86 -13.29
CA LEU B 87 2.47 22.53 -13.77
C LEU B 87 2.02 23.67 -14.68
N HIS B 88 2.55 24.86 -14.42
CA HIS B 88 2.09 26.11 -15.02
C HIS B 88 1.98 25.99 -16.54
N GLN B 89 2.98 25.39 -17.17
CA GLN B 89 3.01 25.42 -18.62
C GLN B 89 3.71 24.17 -19.14
N ASP B 90 3.81 24.08 -20.46
CA ASP B 90 4.56 23.06 -21.18
C ASP B 90 5.84 23.66 -21.80
N LEU B 91 6.48 22.92 -22.71
CA LEU B 91 7.78 23.37 -23.19
C LEU B 91 7.58 24.04 -24.54
N LYS B 92 6.62 23.52 -25.30
CA LYS B 92 6.27 24.09 -26.59
C LYS B 92 5.85 25.54 -26.42
N LYS B 93 4.86 25.82 -25.57
CA LYS B 93 4.43 27.19 -25.32
C LYS B 93 5.60 28.05 -24.81
N PHE B 94 6.54 27.43 -24.08
CA PHE B 94 7.63 28.19 -23.49
C PHE B 94 8.57 28.67 -24.59
N MET B 95 8.84 27.80 -25.59
CA MET B 95 9.73 28.07 -26.72
C MET B 95 9.15 29.16 -27.60
N ASP B 96 7.84 29.09 -27.86
CA ASP B 96 7.11 30.16 -28.54
C ASP B 96 7.33 31.49 -27.84
N ALA B 97 7.11 31.52 -26.51
CA ALA B 97 7.19 32.73 -25.69
C ALA B 97 8.61 33.33 -25.60
N SER B 98 9.67 32.53 -25.79
CA SER B 98 11.05 33.01 -25.83
C SER B 98 11.51 33.37 -27.25
N ALA B 99 10.58 33.74 -28.15
CA ALA B 99 10.90 33.84 -29.56
C ALA B 99 12.08 34.77 -29.82
N LEU B 100 12.14 35.92 -29.12
CA LEU B 100 13.08 36.97 -29.48
C LEU B 100 14.31 36.98 -28.55
N THR B 101 14.18 36.41 -27.34
CA THR B 101 15.32 36.30 -26.43
C THR B 101 16.14 35.04 -26.75
N GLY B 102 15.45 33.99 -27.22
CA GLY B 102 15.95 32.62 -27.12
C GLY B 102 15.83 32.14 -25.68
N ILE B 103 16.04 30.84 -25.48
CA ILE B 103 16.17 30.25 -24.15
C ILE B 103 17.62 30.39 -23.73
N PRO B 104 17.95 31.04 -22.60
CA PRO B 104 19.33 31.08 -22.12
C PRO B 104 19.94 29.68 -21.93
N LEU B 105 21.21 29.55 -22.31
CA LEU B 105 21.96 28.30 -22.27
C LEU B 105 21.77 27.58 -20.93
N PRO B 106 21.91 28.27 -19.77
CA PRO B 106 21.75 27.61 -18.46
C PRO B 106 20.43 26.86 -18.31
N LEU B 107 19.38 27.38 -18.95
CA LEU B 107 18.03 26.85 -18.80
C LEU B 107 17.83 25.65 -19.72
N ILE B 108 18.39 25.72 -20.93
CA ILE B 108 18.39 24.61 -21.88
C ILE B 108 19.10 23.43 -21.21
N LYS B 109 20.19 23.74 -20.53
CA LYS B 109 21.09 22.73 -20.02
C LYS B 109 20.48 22.11 -18.76
N SER B 110 19.88 22.95 -17.90
CA SER B 110 19.04 22.51 -16.79
C SER B 110 17.89 21.64 -17.29
N TYR B 111 17.24 22.06 -18.37
CA TYR B 111 16.07 21.32 -18.81
C TYR B 111 16.52 19.97 -19.32
N LEU B 112 17.62 19.97 -20.11
CA LEU B 112 18.03 18.73 -20.75
C LEU B 112 18.40 17.71 -19.67
N PHE B 113 19.15 18.19 -18.67
CA PHE B 113 19.66 17.34 -17.61
C PHE B 113 18.51 16.70 -16.83
N GLN B 114 17.47 17.49 -16.57
CA GLN B 114 16.30 17.03 -15.84
C GLN B 114 15.55 15.99 -16.66
N LEU B 115 15.44 16.28 -17.95
CA LEU B 115 14.76 15.36 -18.86
C LEU B 115 15.43 13.98 -18.80
N LEU B 116 16.77 13.99 -18.82
CA LEU B 116 17.55 12.77 -18.89
C LEU B 116 17.39 12.01 -17.59
N GLN B 117 17.34 12.76 -16.48
CA GLN B 117 17.11 12.15 -15.17
C GLN B 117 15.75 11.42 -15.20
N GLY B 118 14.71 12.09 -15.73
CA GLY B 118 13.38 11.52 -15.70
C GLY B 118 13.31 10.27 -16.59
N LEU B 119 13.95 10.41 -17.75
CA LEU B 119 13.97 9.32 -18.71
C LEU B 119 14.75 8.12 -18.15
N ALA B 120 15.87 8.40 -17.49
CA ALA B 120 16.70 7.30 -17.03
C ALA B 120 15.93 6.54 -15.95
N PHE B 121 15.15 7.27 -15.14
CA PHE B 121 14.33 6.61 -14.14
C PHE B 121 13.25 5.76 -14.82
N CYS B 122 12.64 6.23 -15.93
CA CYS B 122 11.71 5.41 -16.72
C CYS B 122 12.38 4.11 -17.16
N HIS B 123 13.50 4.26 -17.85
CA HIS B 123 14.23 3.12 -18.41
C HIS B 123 14.67 2.13 -17.35
N SER B 124 15.12 2.66 -16.19
CA SER B 124 15.45 1.86 -15.03
C SER B 124 14.25 1.11 -14.48
N HIS B 125 13.04 1.56 -14.76
CA HIS B 125 11.84 0.87 -14.29
C HIS B 125 11.10 0.24 -15.46
N ARG B 126 11.81 -0.15 -16.53
CA ARG B 126 11.25 -0.90 -17.65
C ARG B 126 10.05 -0.20 -18.27
N VAL B 127 10.09 1.15 -18.35
CA VAL B 127 9.02 1.89 -19.03
C VAL B 127 9.60 2.70 -20.18
N LEU B 128 9.04 2.53 -21.39
CA LEU B 128 9.33 3.36 -22.55
C LEU B 128 8.24 4.44 -22.57
N HIS B 129 8.61 5.69 -22.85
CA HIS B 129 7.62 6.74 -22.95
C HIS B 129 6.89 6.79 -24.30
N ARG B 130 7.65 6.89 -25.41
CA ARG B 130 7.22 6.62 -26.77
C ARG B 130 6.44 7.81 -27.31
N ASP B 131 6.54 8.96 -26.64
CA ASP B 131 5.90 10.13 -27.21
C ASP B 131 6.54 11.37 -26.63
N LEU B 132 7.86 11.35 -26.50
CA LEU B 132 8.51 12.56 -25.97
C LEU B 132 8.49 13.66 -27.04
N LYS B 133 7.93 14.81 -26.69
CA LYS B 133 7.84 15.97 -27.57
C LYS B 133 7.62 17.17 -26.68
N PRO B 134 7.97 18.40 -27.12
CA PRO B 134 7.86 19.58 -26.24
C PRO B 134 6.51 19.83 -25.58
N GLN B 135 5.42 19.39 -26.24
CA GLN B 135 4.07 19.56 -25.74
C GLN B 135 3.78 18.62 -24.56
N ASN B 136 4.60 17.57 -24.41
CA ASN B 136 4.38 16.56 -23.37
C ASN B 136 5.39 16.78 -22.24
N LEU B 137 6.13 17.90 -22.28
CA LEU B 137 7.07 18.21 -21.21
C LEU B 137 6.58 19.49 -20.50
N LEU B 138 6.33 19.41 -19.18
CA LEU B 138 5.70 20.50 -18.45
C LEU B 138 6.75 21.20 -17.57
N ILE B 139 6.61 22.52 -17.43
CA ILE B 139 7.52 23.32 -16.63
C ILE B 139 6.77 24.04 -15.51
N ASN B 140 7.42 24.27 -14.38
CA ASN B 140 6.81 25.04 -13.31
C ASN B 140 7.60 26.35 -13.11
N THR B 141 7.21 27.14 -12.12
CA THR B 141 7.77 28.47 -12.01
C THR B 141 9.10 28.35 -11.29
N GLU B 142 9.40 27.15 -10.79
CA GLU B 142 10.55 27.02 -9.91
C GLU B 142 11.80 26.52 -10.65
N GLY B 143 11.67 26.16 -11.93
CA GLY B 143 12.82 25.66 -12.65
C GLY B 143 12.69 24.17 -13.03
N ALA B 144 11.66 23.49 -12.50
CA ALA B 144 11.48 22.07 -12.80
C ALA B 144 10.98 21.89 -14.24
N ILE B 145 11.42 20.83 -14.92
CA ILE B 145 10.72 20.31 -16.10
C ILE B 145 10.44 18.82 -15.88
N LYS B 146 9.29 18.30 -16.37
CA LYS B 146 8.88 16.94 -16.09
C LYS B 146 8.26 16.26 -17.33
N LEU B 147 8.56 14.96 -17.51
CA LEU B 147 7.93 14.10 -18.52
C LEU B 147 6.46 13.95 -18.18
N ALA B 148 5.61 14.14 -19.19
CA ALA B 148 4.19 13.97 -18.96
C ALA B 148 3.58 13.21 -20.13
N ASP B 149 2.26 13.03 -20.07
CA ASP B 149 1.49 12.26 -21.03
C ASP B 149 2.09 10.86 -21.26
N PHE B 150 1.79 9.94 -20.35
CA PHE B 150 2.21 8.55 -20.45
C PHE B 150 1.17 7.65 -21.13
N GLY B 151 0.27 8.24 -21.94
CA GLY B 151 -0.78 7.47 -22.60
C GLY B 151 -0.27 6.51 -23.67
N LEU B 152 0.93 6.80 -24.21
CA LEU B 152 1.55 5.90 -25.20
C LEU B 152 2.64 5.02 -24.59
N ALA B 153 2.90 5.15 -23.29
CA ALA B 153 4.03 4.45 -22.68
C ALA B 153 3.77 2.95 -22.62
N ARG B 154 4.81 2.18 -22.29
CA ARG B 154 4.67 0.70 -22.30
C ARG B 154 5.72 0.01 -21.42
N ALA B 155 5.28 -0.85 -20.48
CA ALA B 155 6.20 -1.63 -19.67
C ALA B 155 6.93 -2.59 -20.60
N PHE B 156 8.27 -2.60 -20.62
CA PHE B 156 8.96 -3.53 -21.51
C PHE B 156 9.53 -4.71 -20.72
N GLY B 157 9.92 -5.75 -21.46
CA GLY B 157 10.75 -6.87 -20.96
C GLY B 157 12.18 -6.82 -21.50
N VAL B 158 13.09 -7.59 -20.89
CA VAL B 158 14.47 -7.67 -21.35
C VAL B 158 14.70 -9.11 -21.82
N PRO B 159 15.11 -9.37 -23.08
CA PRO B 159 15.20 -8.35 -24.14
C PRO B 159 13.77 -8.00 -24.57
N VAL B 160 13.64 -6.92 -25.36
CA VAL B 160 12.33 -6.39 -25.73
C VAL B 160 11.65 -7.33 -26.73
N ARG B 161 10.30 -7.21 -26.82
CA ARG B 161 9.48 -7.92 -27.79
C ARG B 161 9.02 -6.92 -28.86
N THR B 162 8.33 -7.42 -29.90
CA THR B 162 7.72 -6.52 -30.87
C THR B 162 6.56 -5.81 -30.20
N TYR B 163 6.64 -4.48 -30.13
CA TYR B 163 5.56 -3.64 -29.63
C TYR B 163 4.95 -2.87 -30.80
N TPO B 164 3.96 -2.04 -30.48
CA TPO B 164 3.24 -1.25 -31.46
CB TPO B 164 2.29 -0.29 -30.73
CG2 TPO B 164 1.32 0.42 -31.65
OG1 TPO B 164 1.51 -1.14 -29.84
P TPO B 164 1.62 -1.00 -28.26
O1P TPO B 164 3.06 -1.29 -27.87
O2P TPO B 164 0.66 -2.04 -27.73
O3P TPO B 164 1.22 0.42 -27.92
C TPO B 164 4.26 -0.52 -32.33
O TPO B 164 5.19 0.13 -31.82
N HIS B 165 4.02 -0.63 -33.64
CA HIS B 165 4.78 0.08 -34.64
C HIS B 165 4.43 1.58 -34.70
N GLU B 166 3.15 1.89 -34.52
CA GLU B 166 2.73 3.25 -34.83
C GLU B 166 2.93 4.10 -33.58
N VAL B 167 4.17 4.58 -33.37
CA VAL B 167 4.51 5.27 -32.11
C VAL B 167 5.48 6.43 -32.31
N VAL B 168 5.42 7.37 -31.38
CA VAL B 168 6.16 8.62 -31.38
C VAL B 168 5.56 9.52 -32.46
N THR B 169 5.26 10.77 -32.08
CA THR B 169 4.90 11.80 -33.02
C THR B 169 6.01 11.94 -34.07
N LEU B 170 5.59 11.97 -35.35
CA LEU B 170 6.43 11.84 -36.53
C LEU B 170 7.73 12.62 -36.40
N TRP B 171 7.65 13.88 -36.00
CA TRP B 171 8.86 14.70 -36.01
C TRP B 171 9.93 14.17 -35.05
N TYR B 172 9.54 13.34 -34.10
CA TYR B 172 10.40 12.98 -32.98
C TYR B 172 10.75 11.51 -33.07
N ARG B 173 10.35 10.88 -34.17
CA ARG B 173 10.37 9.44 -34.34
C ARG B 173 11.74 9.00 -34.84
N ALA B 174 12.26 7.92 -34.24
CA ALA B 174 13.60 7.43 -34.50
C ALA B 174 13.66 6.67 -35.83
N PRO B 175 14.84 6.66 -36.50
CA PRO B 175 14.96 6.00 -37.81
C PRO B 175 14.61 4.53 -37.79
N GLU B 176 14.91 3.83 -36.69
CA GLU B 176 14.69 2.39 -36.63
C GLU B 176 13.20 2.08 -36.61
N ILE B 177 12.38 3.05 -36.14
CA ILE B 177 10.94 2.86 -36.24
C ILE B 177 10.52 3.11 -37.69
N LEU B 178 11.03 4.21 -38.28
CA LEU B 178 10.71 4.60 -39.64
C LEU B 178 11.07 3.50 -40.64
N LEU B 179 12.10 2.71 -40.32
CA LEU B 179 12.56 1.64 -41.25
C LEU B 179 11.93 0.30 -40.85
N GLY B 180 10.95 0.29 -39.94
CA GLY B 180 10.18 -0.92 -39.60
C GLY B 180 10.95 -2.01 -38.90
N CYS B 181 11.96 -1.67 -38.11
CA CYS B 181 12.67 -2.71 -37.32
C CYS B 181 11.68 -3.37 -36.36
N LYS B 182 11.72 -4.69 -36.26
CA LYS B 182 10.75 -5.44 -35.42
C LYS B 182 11.00 -5.17 -33.94
N TYR B 183 12.21 -4.75 -33.60
CA TYR B 183 12.54 -4.48 -32.19
C TYR B 183 12.96 -3.04 -32.05
N TYR B 184 12.37 -2.36 -31.08
CA TYR B 184 12.79 -0.98 -30.75
C TYR B 184 12.98 -0.99 -29.24
N SER B 185 13.78 -0.08 -28.72
CA SER B 185 14.14 -0.13 -27.32
C SER B 185 14.30 1.28 -26.78
N THR B 186 15.08 1.40 -25.69
CA THR B 186 15.06 2.62 -24.91
C THR B 186 15.57 3.75 -25.79
N ALA B 187 16.34 3.40 -26.84
CA ALA B 187 17.03 4.35 -27.69
C ALA B 187 16.04 5.23 -28.48
N VAL B 188 14.80 4.77 -28.65
CA VAL B 188 13.82 5.62 -29.34
C VAL B 188 13.55 6.86 -28.48
N ASP B 189 13.54 6.73 -27.15
CA ASP B 189 13.28 7.89 -26.30
C ASP B 189 14.46 8.85 -26.36
N ILE B 190 15.70 8.33 -26.51
CA ILE B 190 16.87 9.22 -26.58
C ILE B 190 16.78 10.04 -27.87
N TRP B 191 16.37 9.34 -28.94
CA TRP B 191 16.29 10.00 -30.23
C TRP B 191 15.37 11.20 -30.06
N SER B 192 14.21 10.98 -29.41
CA SER B 192 13.27 12.07 -29.17
C SER B 192 13.93 13.20 -28.38
N LEU B 193 14.57 12.90 -27.27
CA LEU B 193 15.19 13.94 -26.47
C LEU B 193 16.25 14.69 -27.26
N GLY B 194 16.94 14.00 -28.20
CA GLY B 194 17.90 14.64 -29.07
C GLY B 194 17.26 15.70 -29.95
N CYS B 195 16.15 15.34 -30.59
CA CYS B 195 15.37 16.29 -31.39
C CYS B 195 14.96 17.48 -30.55
N ILE B 196 14.54 17.20 -29.30
CA ILE B 196 14.07 18.25 -28.41
C ILE B 196 15.21 19.19 -28.01
N PHE B 197 16.40 18.60 -27.78
CA PHE B 197 17.59 19.35 -27.41
C PHE B 197 17.85 20.38 -28.50
N ALA B 198 17.88 19.91 -29.76
CA ALA B 198 18.18 20.77 -30.89
C ALA B 198 17.16 21.92 -30.93
N GLU B 199 15.89 21.56 -30.66
CA GLU B 199 14.77 22.46 -30.77
C GLU B 199 14.79 23.52 -29.67
N MET B 200 15.19 23.16 -28.46
CA MET B 200 15.35 24.16 -27.42
C MET B 200 16.37 25.21 -27.86
N VAL B 201 17.38 24.80 -28.65
CA VAL B 201 18.43 25.73 -29.05
C VAL B 201 17.94 26.74 -30.10
N THR B 202 17.19 26.25 -31.12
CA THR B 202 16.79 27.01 -32.30
C THR B 202 15.34 27.47 -32.21
N ARG B 203 14.56 26.90 -31.30
CA ARG B 203 13.13 27.21 -31.23
C ARG B 203 12.39 26.71 -32.47
N ARG B 204 12.95 25.71 -33.14
CA ARG B 204 12.37 25.14 -34.36
C ARG B 204 12.63 23.63 -34.42
N ALA B 205 11.66 22.87 -34.92
CA ALA B 205 11.78 21.42 -35.03
C ALA B 205 12.96 21.04 -35.92
N LEU B 206 13.69 20.02 -35.51
CA LEU B 206 14.90 19.65 -36.20
C LEU B 206 14.52 18.97 -37.51
N PHE B 207 13.60 18.00 -37.45
CA PHE B 207 13.19 17.30 -38.66
C PHE B 207 11.67 17.36 -38.83
N PRO B 208 11.10 18.47 -39.34
CA PRO B 208 9.64 18.60 -39.45
C PRO B 208 9.07 17.92 -40.71
N GLY B 209 9.03 16.59 -40.74
CA GLY B 209 8.62 15.88 -41.94
C GLY B 209 7.11 15.99 -42.17
N ASP B 210 6.67 15.68 -43.41
CA ASP B 210 5.26 15.73 -43.81
C ASP B 210 4.66 14.32 -43.87
N SER B 211 5.53 13.30 -43.90
CA SER B 211 5.11 11.92 -44.07
C SER B 211 6.24 11.04 -43.57
N GLU B 212 6.03 9.73 -43.54
CA GLU B 212 7.14 8.87 -43.12
C GLU B 212 8.38 9.10 -43.99
N ILE B 213 8.23 9.03 -45.31
CA ILE B 213 9.38 9.01 -46.20
C ILE B 213 10.09 10.36 -46.16
N ASP B 214 9.29 11.44 -46.13
CA ASP B 214 9.83 12.79 -46.06
C ASP B 214 10.61 12.96 -44.76
N GLN B 215 10.13 12.32 -43.69
CA GLN B 215 10.76 12.37 -42.38
C GLN B 215 12.15 11.72 -42.44
N LEU B 216 12.23 10.48 -42.95
CA LEU B 216 13.50 9.83 -43.22
C LEU B 216 14.40 10.74 -44.06
N PHE B 217 13.85 11.27 -45.18
CA PHE B 217 14.67 11.99 -46.12
C PHE B 217 15.27 13.21 -45.41
N ARG B 218 14.52 13.81 -44.50
CA ARG B 218 15.00 14.99 -43.81
C ARG B 218 16.13 14.65 -42.82
N ILE B 219 15.94 13.52 -42.15
CA ILE B 219 16.95 12.97 -41.27
C ILE B 219 18.20 12.66 -42.10
N PHE B 220 18.02 11.96 -43.22
CA PHE B 220 19.14 11.58 -44.08
C PHE B 220 19.89 12.81 -44.58
N ARG B 221 19.19 13.91 -44.88
CA ARG B 221 19.85 15.08 -45.48
C ARG B 221 20.70 15.82 -44.44
N THR B 222 20.42 15.63 -43.14
CA THR B 222 21.15 16.28 -42.07
C THR B 222 22.31 15.41 -41.56
N LEU B 223 22.06 14.10 -41.41
CA LEU B 223 22.96 13.20 -40.71
C LEU B 223 23.69 12.32 -41.73
N GLY B 224 23.30 12.46 -43.00
CA GLY B 224 23.82 11.66 -44.08
C GLY B 224 23.02 10.38 -44.24
N THR B 225 22.97 9.83 -45.46
CA THR B 225 22.21 8.60 -45.61
C THR B 225 23.01 7.49 -44.94
N PRO B 226 22.42 6.69 -44.05
CA PRO B 226 23.13 5.55 -43.45
C PRO B 226 23.51 4.42 -44.41
N ASP B 227 24.75 3.91 -44.27
CA ASP B 227 25.27 2.74 -44.97
C ASP B 227 25.68 1.68 -43.93
N GLU B 228 26.24 0.55 -44.39
CA GLU B 228 26.56 -0.56 -43.49
C GLU B 228 27.65 -0.18 -42.49
N VAL B 229 28.54 0.75 -42.88
CA VAL B 229 29.59 1.22 -41.99
C VAL B 229 28.97 1.93 -40.77
N VAL B 230 28.20 3.00 -41.00
CA VAL B 230 27.64 3.76 -39.89
C VAL B 230 26.62 2.92 -39.11
N TRP B 231 25.99 1.93 -39.76
CA TRP B 231 24.82 1.31 -39.15
C TRP B 231 24.67 -0.10 -39.68
N PRO B 232 25.43 -1.07 -39.14
CA PRO B 232 25.38 -2.44 -39.64
C PRO B 232 23.95 -2.99 -39.57
N GLY B 233 23.48 -3.59 -40.67
CA GLY B 233 22.13 -4.13 -40.77
C GLY B 233 21.15 -3.26 -41.58
N VAL B 234 21.47 -1.96 -41.72
CA VAL B 234 20.52 -0.97 -42.21
C VAL B 234 19.96 -1.40 -43.57
N THR B 235 20.83 -1.87 -44.48
CA THR B 235 20.43 -2.20 -45.84
C THR B 235 19.46 -3.39 -45.85
N SER B 236 19.29 -4.07 -44.71
CA SER B 236 18.45 -5.26 -44.64
C SER B 236 17.14 -4.97 -43.92
N MET B 237 16.94 -3.73 -43.47
CA MET B 237 15.77 -3.44 -42.65
C MET B 237 14.50 -3.52 -43.50
N PRO B 238 13.34 -3.88 -42.92
CA PRO B 238 12.12 -4.10 -43.71
C PRO B 238 11.78 -3.00 -44.70
N ASP B 239 11.98 -1.73 -44.28
CA ASP B 239 11.55 -0.62 -45.10
C ASP B 239 12.74 0.15 -45.69
N TYR B 240 13.92 -0.47 -45.73
CA TYR B 240 15.04 0.17 -46.36
C TYR B 240 14.94 -0.12 -47.86
N LYS B 241 15.24 0.88 -48.69
CA LYS B 241 15.12 0.73 -50.13
C LYS B 241 16.47 1.17 -50.71
N PRO B 242 17.14 0.36 -51.56
CA PRO B 242 18.43 0.76 -52.14
C PRO B 242 18.40 1.99 -53.05
N SER B 243 17.23 2.34 -53.58
CA SER B 243 17.03 3.58 -54.30
C SER B 243 16.99 4.82 -53.38
N PHE B 244 16.99 4.68 -52.06
CA PHE B 244 17.11 5.86 -51.22
C PHE B 244 18.25 6.73 -51.73
N PRO B 245 18.03 8.06 -51.89
CA PRO B 245 19.11 8.96 -52.27
C PRO B 245 20.24 8.86 -51.25
N LYS B 246 21.48 9.07 -51.69
CA LYS B 246 22.60 8.92 -50.77
C LYS B 246 23.13 10.30 -50.41
N TRP B 247 22.66 10.91 -49.32
CA TRP B 247 23.11 12.25 -49.00
C TRP B 247 24.36 12.18 -48.12
N ALA B 248 25.25 13.15 -48.31
CA ALA B 248 26.44 13.23 -47.47
C ALA B 248 26.06 13.76 -46.09
N ARG B 249 26.82 13.33 -45.08
CA ARG B 249 26.63 13.80 -43.71
C ARG B 249 27.22 15.21 -43.62
N GLN B 250 26.56 16.12 -42.90
CA GLN B 250 27.06 17.47 -42.80
C GLN B 250 27.74 17.66 -41.43
N ASP B 251 28.71 18.59 -41.36
CA ASP B 251 29.35 18.96 -40.11
C ASP B 251 28.25 19.33 -39.12
N PHE B 252 28.25 18.66 -37.96
CA PHE B 252 27.30 18.95 -36.89
C PHE B 252 27.31 20.44 -36.53
N SER B 253 28.46 21.10 -36.78
CA SER B 253 28.58 22.53 -36.55
C SER B 253 27.52 23.27 -37.37
N LYS B 254 27.01 22.61 -38.42
CA LYS B 254 26.06 23.25 -39.31
C LYS B 254 24.62 22.87 -38.95
N VAL B 255 24.44 21.76 -38.24
CA VAL B 255 23.11 21.34 -37.86
C VAL B 255 22.53 22.31 -36.84
N VAL B 256 23.34 22.72 -35.84
CA VAL B 256 22.90 23.58 -34.76
C VAL B 256 24.03 24.56 -34.48
N PRO B 257 24.22 25.57 -35.36
CA PRO B 257 25.39 26.46 -35.30
C PRO B 257 25.80 27.13 -33.98
N PRO B 258 24.85 27.59 -33.14
CA PRO B 258 25.26 28.24 -31.87
C PRO B 258 25.68 27.29 -30.76
N LEU B 259 25.56 25.97 -30.96
CA LEU B 259 25.94 25.01 -29.94
C LEU B 259 27.46 24.89 -29.88
N ASP B 260 28.04 24.90 -28.68
N ASP B 260 27.96 24.77 -28.64
CA ASP B 260 29.49 24.80 -28.56
CA ASP B 260 29.35 24.62 -28.25
C ASP B 260 29.89 23.32 -28.54
C ASP B 260 29.88 23.24 -28.64
N GLU B 261 31.20 23.06 -28.57
CA GLU B 261 31.79 21.74 -28.73
C GLU B 261 31.08 20.66 -27.87
N ASP B 262 30.81 20.95 -26.59
CA ASP B 262 30.30 19.92 -25.69
C ASP B 262 28.86 19.57 -26.07
N GLY B 263 28.06 20.61 -26.34
CA GLY B 263 26.70 20.46 -26.82
C GLY B 263 26.64 19.58 -28.06
N ARG B 264 27.47 19.89 -29.07
CA ARG B 264 27.46 19.15 -30.33
C ARG B 264 27.83 17.70 -30.08
N SER B 265 28.85 17.49 -29.23
CA SER B 265 29.27 16.13 -28.95
C SER B 265 28.05 15.33 -28.45
N LEU B 266 27.33 15.90 -27.47
CA LEU B 266 26.26 15.21 -26.77
C LEU B 266 25.14 14.94 -27.77
N LEU B 267 24.84 15.96 -28.60
CA LEU B 267 23.74 15.90 -29.55
C LEU B 267 24.00 14.76 -30.52
N SER B 268 25.24 14.67 -31.01
CA SER B 268 25.54 13.69 -32.03
C SER B 268 25.43 12.30 -31.43
N GLN B 269 25.66 12.18 -30.12
CA GLN B 269 25.58 10.84 -29.57
C GLN B 269 24.13 10.47 -29.30
N MET B 270 23.28 11.50 -29.17
CA MET B 270 21.85 11.31 -29.02
C MET B 270 21.20 10.88 -30.34
N LEU B 271 21.72 11.42 -31.47
CA LEU B 271 21.19 11.15 -32.78
C LEU B 271 22.06 10.17 -33.56
N HIS B 272 22.78 9.29 -32.88
CA HIS B 272 23.48 8.26 -33.64
C HIS B 272 22.47 7.37 -34.35
N TYR B 273 22.75 7.00 -35.61
CA TYR B 273 21.85 6.13 -36.34
C TYR B 273 21.60 4.81 -35.61
N ASP B 274 22.71 4.15 -35.20
CA ASP B 274 22.65 2.78 -34.73
C ASP B 274 22.11 2.79 -33.30
N PRO B 275 20.95 2.17 -33.01
CA PRO B 275 20.41 2.20 -31.66
C PRO B 275 21.35 1.61 -30.61
N ASN B 276 22.22 0.68 -31.05
CA ASN B 276 23.22 0.09 -30.16
C ASN B 276 24.27 1.11 -29.73
N LYS B 277 24.55 2.13 -30.54
CA LYS B 277 25.63 3.05 -30.24
C LYS B 277 25.08 4.32 -29.60
N ARG B 278 23.76 4.57 -29.75
CA ARG B 278 23.17 5.82 -29.30
C ARG B 278 23.34 5.89 -27.79
N ILE B 279 23.67 7.07 -27.24
CA ILE B 279 23.97 7.19 -25.82
C ILE B 279 22.72 6.84 -25.00
N SER B 280 22.88 6.22 -23.81
CA SER B 280 21.75 6.02 -22.89
C SER B 280 21.53 7.28 -22.05
N ALA B 281 20.34 7.39 -21.43
CA ALA B 281 20.05 8.55 -20.59
C ALA B 281 21.03 8.61 -19.40
N LYS B 282 21.28 7.44 -18.81
CA LYS B 282 22.21 7.26 -17.72
C LYS B 282 23.59 7.83 -18.10
N ALA B 283 24.14 7.35 -19.21
CA ALA B 283 25.47 7.78 -19.62
C ALA B 283 25.47 9.28 -19.92
N ALA B 284 24.39 9.79 -20.51
CA ALA B 284 24.36 11.18 -20.92
C ALA B 284 24.53 12.11 -19.71
N LEU B 285 24.06 11.68 -18.50
CA LEU B 285 24.06 12.56 -17.33
C LEU B 285 25.48 12.99 -16.97
N ALA B 286 26.46 12.19 -17.44
CA ALA B 286 27.85 12.38 -17.10
C ALA B 286 28.60 13.13 -18.20
N HIS B 287 27.89 13.56 -19.25
CA HIS B 287 28.55 14.25 -20.35
C HIS B 287 29.13 15.60 -19.88
N PRO B 288 30.33 16.00 -20.35
CA PRO B 288 30.90 17.32 -20.05
C PRO B 288 30.01 18.54 -20.32
N PHE B 289 29.05 18.42 -21.24
CA PHE B 289 28.07 19.49 -21.44
C PHE B 289 27.48 19.95 -20.10
N PHE B 290 27.30 19.04 -19.13
CA PHE B 290 26.59 19.36 -17.89
C PHE B 290 27.52 19.84 -16.76
N GLN B 291 28.82 20.06 -17.06
CA GLN B 291 29.79 20.41 -16.04
C GLN B 291 29.36 21.61 -15.17
N ASP B 292 28.64 22.58 -15.74
CA ASP B 292 28.32 23.77 -14.96
C ASP B 292 26.81 23.92 -14.80
N VAL B 293 26.08 22.81 -14.62
CA VAL B 293 24.63 22.85 -14.74
C VAL B 293 24.05 23.42 -13.44
N THR B 294 23.00 24.24 -13.57
CA THR B 294 22.26 24.72 -12.41
C THR B 294 20.79 24.48 -12.72
N LYS B 295 19.92 24.77 -11.74
CA LYS B 295 18.48 24.72 -11.92
C LYS B 295 17.92 26.13 -11.77
N PRO B 296 18.15 27.10 -12.69
CA PRO B 296 17.50 28.40 -12.60
C PRO B 296 16.02 28.33 -12.97
N VAL B 297 15.26 29.31 -12.43
CA VAL B 297 13.85 29.54 -12.72
C VAL B 297 13.76 30.01 -14.17
N PRO B 298 12.59 29.81 -14.82
CA PRO B 298 12.39 30.23 -16.20
C PRO B 298 12.61 31.73 -16.13
N HIS B 299 12.97 32.33 -17.27
CA HIS B 299 13.27 33.75 -17.35
C HIS B 299 11.99 34.59 -17.58
N LEU B 300 10.82 33.94 -17.68
CA LEU B 300 9.56 34.58 -18.09
C LEU B 300 8.41 34.19 -17.17
N ARG B 301 7.35 35.00 -17.15
CA ARG B 301 6.13 34.66 -16.44
C ARG B 301 5.22 33.86 -17.39
N GLY C 1 23.36 -5.76 -27.38
CA GLY C 1 22.76 -4.61 -28.09
C GLY C 1 21.65 -3.96 -27.25
N VAL C 2 21.15 -2.79 -27.70
CA VAL C 2 20.10 -2.03 -27.03
C VAL C 2 18.84 -2.88 -26.72
N ASN C 3 18.54 -3.90 -27.53
CA ASN C 3 17.40 -4.78 -27.31
C ASN C 3 17.43 -5.43 -25.93
N GLU C 4 18.64 -5.56 -25.37
CA GLU C 4 18.90 -6.22 -24.09
C GLU C 4 19.26 -5.17 -23.04
N VAL C 5 19.00 -3.88 -23.37
CA VAL C 5 19.12 -2.73 -22.47
C VAL C 5 20.32 -2.92 -21.54
N PRO C 6 21.53 -3.09 -22.11
CA PRO C 6 22.76 -3.16 -21.33
C PRO C 6 22.91 -2.19 -20.16
N ASP C 7 22.44 -0.94 -20.30
CA ASP C 7 22.67 0.05 -19.26
C ASP C 7 21.63 -0.05 -18.15
N TYR C 8 20.60 -0.90 -18.37
CA TYR C 8 19.42 -0.87 -17.53
C TYR C 8 19.06 -2.26 -17.03
N HIS C 9 19.64 -3.32 -17.60
CA HIS C 9 19.15 -4.67 -17.28
C HIS C 9 19.25 -5.00 -15.78
N GLU C 10 20.34 -4.59 -15.13
CA GLU C 10 20.52 -4.83 -13.70
C GLU C 10 19.52 -4.05 -12.85
N ASP C 11 19.43 -2.72 -13.09
CA ASP C 11 18.43 -1.87 -12.46
C ASP C 11 17.06 -2.54 -12.59
N ILE C 12 16.76 -3.02 -13.81
CA ILE C 12 15.45 -3.59 -14.07
C ILE C 12 15.23 -4.84 -13.21
N HIS C 13 16.20 -5.77 -13.27
CA HIS C 13 16.18 -7.02 -12.52
C HIS C 13 16.02 -6.71 -11.04
N THR C 14 16.88 -5.84 -10.49
CA THR C 14 16.72 -5.39 -9.11
C THR C 14 15.28 -4.94 -8.85
N TYR C 15 14.75 -4.06 -9.69
CA TYR C 15 13.39 -3.53 -9.52
C TYR C 15 12.30 -4.62 -9.49
N LEU C 16 12.35 -5.57 -10.43
CA LEU C 16 11.38 -6.67 -10.49
C LEU C 16 11.44 -7.54 -9.24
N ARG C 17 12.63 -7.69 -8.65
CA ARG C 17 12.84 -8.52 -7.45
C ARG C 17 12.12 -7.91 -6.25
N GLU C 18 12.17 -6.58 -6.21
CA GLU C 18 11.41 -5.82 -5.22
C GLU C 18 9.90 -5.90 -5.54
N MET C 19 9.49 -5.66 -6.78
CA MET C 19 8.05 -5.69 -7.03
C MET C 19 7.45 -7.08 -6.82
N GLU C 20 8.19 -8.16 -7.13
CA GLU C 20 7.61 -9.48 -7.05
C GLU C 20 7.17 -9.82 -5.62
N VAL C 21 7.93 -9.32 -4.63
CA VAL C 21 7.56 -9.44 -3.23
C VAL C 21 6.28 -8.63 -2.93
N LYS C 22 6.14 -7.45 -3.53
CA LYS C 22 4.96 -6.63 -3.37
C LYS C 22 3.76 -7.21 -4.11
N CYS C 23 3.96 -7.79 -5.31
CA CYS C 23 2.87 -8.29 -6.14
C CYS C 23 2.43 -9.70 -5.73
N LYS C 24 2.89 -10.16 -4.57
CA LYS C 24 2.78 -11.58 -4.27
C LYS C 24 1.38 -11.88 -3.76
N PRO C 25 0.72 -12.92 -4.30
CA PRO C 25 -0.54 -13.41 -3.72
C PRO C 25 -0.32 -13.96 -2.31
N LYS C 26 -1.38 -14.07 -1.51
CA LYS C 26 -1.25 -14.70 -0.21
C LYS C 26 -1.20 -16.21 -0.40
N VAL C 27 -0.13 -16.84 0.11
CA VAL C 27 0.13 -18.27 -0.04
C VAL C 27 -1.09 -19.11 0.39
N GLY C 28 -1.76 -18.70 1.47
CA GLY C 28 -2.78 -19.57 2.05
C GLY C 28 -4.22 -19.24 1.63
N TYR C 29 -4.41 -18.57 0.48
CA TYR C 29 -5.68 -17.92 0.23
C TYR C 29 -6.76 -18.97 -0.01
N MET C 30 -6.38 -20.11 -0.57
CA MET C 30 -7.42 -21.05 -1.03
C MET C 30 -8.17 -21.68 0.15
N LYS C 31 -7.48 -21.86 1.28
CA LYS C 31 -8.08 -22.38 2.50
C LYS C 31 -9.18 -21.44 2.98
N LYS C 32 -9.01 -20.14 2.75
CA LYS C 32 -9.96 -19.14 3.24
C LYS C 32 -11.05 -18.86 2.21
N GLN C 33 -11.01 -19.55 1.06
CA GLN C 33 -12.07 -19.43 0.07
C GLN C 33 -13.09 -20.53 0.32
N PRO C 34 -14.33 -20.19 0.70
CA PRO C 34 -15.29 -21.20 1.12
C PRO C 34 -15.74 -22.14 0.00
N ASP C 35 -15.82 -21.62 -1.24
CA ASP C 35 -16.60 -22.26 -2.30
C ASP C 35 -15.77 -22.76 -3.49
N ILE C 36 -14.47 -22.43 -3.49
CA ILE C 36 -13.62 -22.80 -4.61
C ILE C 36 -12.35 -23.45 -4.03
N THR C 37 -11.60 -24.15 -4.89
CA THR C 37 -10.53 -25.05 -4.50
C THR C 37 -9.37 -24.89 -5.49
N ASN C 38 -8.24 -25.52 -5.16
CA ASN C 38 -7.10 -25.50 -6.05
C ASN C 38 -7.51 -26.08 -7.39
N SER C 39 -8.40 -27.07 -7.34
CA SER C 39 -8.79 -27.83 -8.50
C SER C 39 -9.64 -26.96 -9.42
N MET C 40 -10.57 -26.20 -8.83
CA MET C 40 -11.36 -25.27 -9.62
C MET C 40 -10.50 -24.19 -10.29
N ARG C 41 -9.46 -23.73 -9.57
CA ARG C 41 -8.54 -22.73 -10.09
C ARG C 41 -7.73 -23.34 -11.24
N ALA C 42 -7.32 -24.61 -11.06
CA ALA C 42 -6.61 -25.39 -12.08
C ALA C 42 -7.42 -25.41 -13.38
N ILE C 43 -8.73 -25.66 -13.27
CA ILE C 43 -9.57 -25.68 -14.45
C ILE C 43 -9.63 -24.28 -15.09
N LEU C 44 -9.66 -23.21 -14.29
CA LEU C 44 -9.76 -21.87 -14.86
C LEU C 44 -8.49 -21.52 -15.62
N VAL C 45 -7.33 -21.73 -14.99
CA VAL C 45 -6.10 -21.34 -15.66
C VAL C 45 -5.93 -22.13 -16.95
N ASP C 46 -6.32 -23.40 -16.92
CA ASP C 46 -6.18 -24.27 -18.07
C ASP C 46 -6.99 -23.72 -19.23
N TRP C 47 -8.22 -23.29 -18.91
CA TRP C 47 -9.09 -22.64 -19.87
C TRP C 47 -8.45 -21.36 -20.45
N LEU C 48 -7.75 -20.59 -19.59
CA LEU C 48 -7.15 -19.33 -20.03
C LEU C 48 -5.99 -19.61 -20.98
N VAL C 49 -5.31 -20.72 -20.75
CA VAL C 49 -4.33 -21.22 -21.68
C VAL C 49 -4.97 -21.41 -23.06
N GLU C 50 -6.15 -22.05 -23.09
CA GLU C 50 -6.83 -22.28 -24.36
C GLU C 50 -7.24 -20.95 -24.95
N VAL C 51 -7.81 -20.07 -24.13
CA VAL C 51 -8.21 -18.75 -24.63
C VAL C 51 -6.99 -18.06 -25.26
N GLY C 52 -5.84 -18.07 -24.55
CA GLY C 52 -4.63 -17.43 -25.04
C GLY C 52 -4.20 -17.95 -26.42
N GLU C 53 -4.36 -19.26 -26.65
CA GLU C 53 -4.06 -19.90 -27.92
C GLU C 53 -5.07 -19.54 -29.01
N GLU C 54 -6.34 -19.54 -28.65
CA GLU C 54 -7.41 -19.24 -29.59
C GLU C 54 -7.19 -17.83 -30.16
N TYR C 55 -6.69 -16.89 -29.34
CA TYR C 55 -6.58 -15.51 -29.81
C TYR C 55 -5.14 -15.13 -30.13
N LYS C 56 -4.22 -16.09 -29.98
CA LYS C 56 -2.83 -15.86 -30.30
C LYS C 56 -2.32 -14.73 -29.41
N LEU C 57 -2.60 -14.84 -28.10
CA LEU C 57 -2.16 -13.86 -27.12
C LEU C 57 -0.71 -14.20 -26.74
N GLN C 58 0.02 -13.19 -26.26
CA GLN C 58 1.35 -13.40 -25.72
C GLN C 58 1.26 -14.31 -24.50
N ASN C 59 2.37 -15.02 -24.19
CA ASN C 59 2.44 -15.75 -22.92
C ASN C 59 2.50 -14.79 -21.73
N GLU C 60 3.10 -13.61 -21.90
CA GLU C 60 3.19 -12.63 -20.84
C GLU C 60 1.78 -12.32 -20.32
N THR C 61 0.82 -12.27 -21.24
CA THR C 61 -0.57 -11.90 -20.98
C THR C 61 -1.23 -12.96 -20.10
N LEU C 62 -1.04 -14.24 -20.46
CA LEU C 62 -1.51 -15.32 -19.62
C LEU C 62 -0.97 -15.18 -18.20
N HIS C 63 0.36 -15.01 -18.06
CA HIS C 63 1.00 -14.88 -16.75
C HIS C 63 0.50 -13.67 -15.94
N LEU C 64 0.28 -12.51 -16.59
CA LEU C 64 -0.28 -11.36 -15.92
C LEU C 64 -1.68 -11.70 -15.40
N ALA C 65 -2.46 -12.38 -16.23
CA ALA C 65 -3.86 -12.62 -15.87
C ALA C 65 -3.95 -13.45 -14.60
N VAL C 66 -3.10 -14.49 -14.56
CA VAL C 66 -3.05 -15.39 -13.41
C VAL C 66 -2.63 -14.61 -12.16
N ASN C 67 -1.62 -13.73 -12.29
CA ASN C 67 -1.21 -12.87 -11.18
C ASN C 67 -2.41 -12.06 -10.70
N TYR C 68 -3.19 -11.50 -11.65
CA TYR C 68 -4.35 -10.69 -11.31
C TYR C 68 -5.36 -11.54 -10.53
N ILE C 69 -5.63 -12.73 -11.07
CA ILE C 69 -6.63 -13.62 -10.51
C ILE C 69 -6.24 -13.93 -9.07
N ASP C 70 -4.97 -14.29 -8.87
CA ASP C 70 -4.52 -14.79 -7.59
C ASP C 70 -4.53 -13.69 -6.55
N ARG C 71 -4.15 -12.48 -7.00
CA ARG C 71 -4.15 -11.34 -6.11
C ARG C 71 -5.59 -11.02 -5.74
N PHE C 72 -6.49 -11.10 -6.72
CA PHE C 72 -7.89 -10.81 -6.44
C PHE C 72 -8.44 -11.80 -5.41
N LEU C 73 -8.12 -13.09 -5.59
CA LEU C 73 -8.68 -14.13 -4.76
C LEU C 73 -8.06 -14.10 -3.37
N SER C 74 -6.94 -13.39 -3.21
CA SER C 74 -6.33 -13.22 -1.91
C SER C 74 -7.16 -12.30 -0.99
N SER C 75 -8.03 -11.45 -1.54
CA SER C 75 -8.79 -10.53 -0.70
C SER C 75 -10.30 -10.60 -0.92
N MET C 76 -10.78 -11.27 -1.99
CA MET C 76 -12.22 -11.33 -2.25
C MET C 76 -12.69 -12.80 -2.29
N SER C 77 -13.67 -13.15 -1.43
CA SER C 77 -14.39 -14.42 -1.58
C SER C 77 -15.19 -14.38 -2.87
N VAL C 78 -15.17 -15.48 -3.62
CA VAL C 78 -15.93 -15.64 -4.86
C VAL C 78 -16.60 -17.02 -4.88
N LEU C 79 -17.85 -17.06 -5.40
CA LEU C 79 -18.58 -18.31 -5.55
C LEU C 79 -18.14 -18.98 -6.85
N ARG C 80 -18.23 -20.32 -6.89
CA ARG C 80 -17.74 -21.10 -8.01
C ARG C 80 -18.35 -20.58 -9.32
N GLY C 81 -19.62 -20.17 -9.27
CA GLY C 81 -20.30 -19.75 -10.49
C GLY C 81 -19.82 -18.39 -11.01
N LYS C 82 -18.90 -17.75 -10.28
CA LYS C 82 -18.38 -16.44 -10.68
C LYS C 82 -16.86 -16.47 -10.83
N LEU C 83 -16.23 -17.61 -10.51
CA LEU C 83 -14.80 -17.71 -10.64
C LEU C 83 -14.32 -17.33 -12.05
N GLN C 84 -15.15 -17.65 -13.06
CA GLN C 84 -14.82 -17.52 -14.47
C GLN C 84 -15.06 -16.09 -14.93
N LEU C 85 -15.95 -15.38 -14.23
CA LEU C 85 -16.14 -13.97 -14.52
C LEU C 85 -14.87 -13.21 -14.12
N VAL C 86 -14.40 -13.50 -12.89
CA VAL C 86 -13.13 -12.98 -12.40
C VAL C 86 -12.04 -13.21 -13.46
N GLY C 87 -11.96 -14.46 -13.93
CA GLY C 87 -10.89 -14.86 -14.82
C GLY C 87 -10.98 -14.16 -16.17
N THR C 88 -12.20 -13.91 -16.65
CA THR C 88 -12.43 -13.26 -17.92
C THR C 88 -11.99 -11.80 -17.83
N ALA C 89 -12.37 -11.11 -16.75
CA ALA C 89 -11.98 -9.71 -16.61
C ALA C 89 -10.47 -9.61 -16.43
N ALA C 90 -9.86 -10.58 -15.77
CA ALA C 90 -8.39 -10.57 -15.62
C ALA C 90 -7.71 -10.63 -16.99
N MET C 91 -8.16 -11.53 -17.86
CA MET C 91 -7.52 -11.71 -19.19
C MET C 91 -7.78 -10.48 -20.07
N LEU C 92 -8.96 -9.88 -19.94
CA LEU C 92 -9.24 -8.62 -20.68
C LEU C 92 -8.26 -7.56 -20.20
N LEU C 93 -8.10 -7.45 -18.88
CA LEU C 93 -7.19 -6.43 -18.36
C LEU C 93 -5.76 -6.69 -18.81
N ALA C 94 -5.32 -7.95 -18.68
CA ALA C 94 -3.96 -8.27 -19.08
C ALA C 94 -3.75 -7.98 -20.56
N SER C 95 -4.80 -8.24 -21.38
CA SER C 95 -4.73 -8.03 -22.82
C SER C 95 -4.58 -6.54 -23.12
N LYS C 96 -5.41 -5.72 -22.46
CA LYS C 96 -5.32 -4.29 -22.68
C LYS C 96 -3.93 -3.80 -22.25
N PHE C 97 -3.39 -4.36 -21.15
CA PHE C 97 -2.08 -3.95 -20.69
C PHE C 97 -0.99 -4.29 -21.70
N GLU C 98 -0.95 -5.57 -22.09
CA GLU C 98 0.22 -6.19 -22.68
C GLU C 98 0.12 -6.31 -24.20
N GLU C 99 -1.08 -6.47 -24.80
CA GLU C 99 -1.16 -6.78 -26.22
C GLU C 99 -1.20 -5.53 -27.09
N ILE C 100 -0.65 -5.63 -28.31
CA ILE C 100 -0.77 -4.62 -29.36
C ILE C 100 -2.22 -4.56 -29.84
N TYR C 101 -2.78 -5.73 -30.11
CA TYR C 101 -4.15 -5.86 -30.62
C TYR C 101 -4.96 -6.75 -29.68
N PRO C 102 -5.48 -6.20 -28.55
CA PRO C 102 -6.27 -6.99 -27.61
C PRO C 102 -7.56 -7.42 -28.28
N PRO C 103 -8.12 -8.60 -27.92
CA PRO C 103 -9.49 -8.96 -28.31
C PRO C 103 -10.49 -7.92 -27.79
N GLU C 104 -11.58 -7.76 -28.52
CA GLU C 104 -12.63 -6.86 -28.10
C GLU C 104 -13.38 -7.50 -26.94
N VAL C 105 -14.05 -6.67 -26.15
CA VAL C 105 -14.80 -7.18 -25.01
C VAL C 105 -15.80 -8.21 -25.50
N ALA C 106 -16.40 -7.97 -26.68
CA ALA C 106 -17.39 -8.88 -27.23
C ALA C 106 -16.81 -10.28 -27.37
N GLU C 107 -15.54 -10.37 -27.73
CA GLU C 107 -14.85 -11.65 -27.84
C GLU C 107 -14.74 -12.35 -26.49
N PHE C 108 -14.40 -11.58 -25.45
CA PHE C 108 -14.33 -12.12 -24.10
C PHE C 108 -15.69 -12.69 -23.66
N VAL C 109 -16.79 -11.99 -23.95
CA VAL C 109 -18.14 -12.47 -23.63
C VAL C 109 -18.43 -13.77 -24.38
N TYR C 110 -18.11 -13.76 -25.69
CA TYR C 110 -18.26 -14.91 -26.54
C TYR C 110 -17.59 -16.16 -25.94
N ILE C 111 -16.36 -16.03 -25.42
CA ILE C 111 -15.62 -17.22 -25.00
C ILE C 111 -16.17 -17.79 -23.69
N THR C 112 -17.05 -17.04 -23.00
CA THR C 112 -17.70 -17.51 -21.79
C THR C 112 -19.00 -18.24 -22.13
N ASP C 113 -19.28 -18.42 -23.43
CA ASP C 113 -20.47 -19.09 -23.96
C ASP C 113 -21.76 -18.40 -23.53
N ASP C 114 -21.70 -17.08 -23.35
CA ASP C 114 -22.83 -16.27 -22.90
C ASP C 114 -23.34 -16.75 -21.55
N THR C 115 -22.42 -17.26 -20.72
CA THR C 115 -22.59 -17.43 -19.29
C THR C 115 -22.83 -16.06 -18.63
N TYR C 116 -22.06 -15.06 -19.08
CA TYR C 116 -22.08 -13.72 -18.51
C TYR C 116 -22.40 -12.71 -19.61
N THR C 117 -23.01 -11.60 -19.22
CA THR C 117 -23.30 -10.52 -20.16
C THR C 117 -22.05 -9.67 -20.28
N LYS C 118 -22.05 -8.82 -21.31
CA LYS C 118 -21.04 -7.80 -21.50
C LYS C 118 -21.00 -6.84 -20.31
N LYS C 119 -22.17 -6.52 -19.76
CA LYS C 119 -22.26 -5.58 -18.65
C LYS C 119 -21.52 -6.17 -17.46
N GLN C 120 -21.71 -7.47 -17.25
CA GLN C 120 -21.04 -8.17 -16.16
C GLN C 120 -19.52 -8.18 -16.29
N VAL C 121 -18.99 -8.23 -17.51
CA VAL C 121 -17.56 -8.31 -17.71
C VAL C 121 -16.96 -6.92 -17.45
N LEU C 122 -17.63 -5.90 -17.97
CA LEU C 122 -17.17 -4.55 -17.81
C LEU C 122 -17.18 -4.20 -16.32
N ARG C 123 -18.24 -4.60 -15.62
CA ARG C 123 -18.40 -4.26 -14.23
C ARG C 123 -17.32 -4.96 -13.41
N MET C 124 -17.04 -6.23 -13.73
CA MET C 124 -15.96 -6.98 -13.08
C MET C 124 -14.58 -6.36 -13.35
N GLU C 125 -14.34 -5.83 -14.55
CA GLU C 125 -13.10 -5.16 -14.85
C GLU C 125 -12.83 -4.06 -13.82
N HIS C 126 -13.85 -3.24 -13.54
CA HIS C 126 -13.72 -2.15 -12.58
C HIS C 126 -13.40 -2.69 -11.20
N LEU C 127 -14.13 -3.73 -10.80
CA LEU C 127 -13.95 -4.33 -9.49
C LEU C 127 -12.50 -4.79 -9.37
N VAL C 128 -12.02 -5.45 -10.42
CA VAL C 128 -10.66 -5.97 -10.38
C VAL C 128 -9.67 -4.81 -10.33
N LEU C 129 -9.93 -3.75 -11.13
CA LEU C 129 -9.15 -2.52 -11.09
C LEU C 129 -9.10 -1.92 -9.70
N LYS C 130 -10.26 -1.87 -9.04
CA LYS C 130 -10.35 -1.41 -7.66
C LYS C 130 -9.56 -2.34 -6.72
N VAL C 131 -9.73 -3.66 -6.87
CA VAL C 131 -9.14 -4.50 -5.85
C VAL C 131 -7.60 -4.51 -5.97
N LEU C 132 -7.09 -4.36 -7.19
CA LEU C 132 -5.66 -4.40 -7.45
C LEU C 132 -5.02 -3.03 -7.30
N ALA C 133 -5.86 -1.98 -7.16
CA ALA C 133 -5.42 -0.60 -6.97
C ALA C 133 -4.66 -0.14 -8.22
N PHE C 134 -5.11 -0.63 -9.39
CA PHE C 134 -4.51 -0.31 -10.66
C PHE C 134 -3.02 -0.73 -10.69
N ASP C 135 -2.61 -1.65 -9.79
CA ASP C 135 -1.24 -2.15 -9.79
C ASP C 135 -1.17 -3.33 -10.78
N LEU C 136 -0.92 -3.02 -12.05
CA LEU C 136 -1.03 -3.99 -13.13
C LEU C 136 0.32 -4.47 -13.67
N ALA C 137 1.41 -3.73 -13.41
CA ALA C 137 2.70 -4.00 -14.04
C ALA C 137 3.46 -5.01 -13.19
N ALA C 138 2.90 -6.19 -13.02
CA ALA C 138 3.42 -7.13 -12.04
C ALA C 138 4.50 -7.97 -12.72
N PRO C 139 5.62 -8.26 -12.02
CA PRO C 139 6.61 -9.19 -12.54
C PRO C 139 6.01 -10.58 -12.69
N THR C 140 6.43 -11.29 -13.75
CA THR C 140 5.98 -12.64 -14.07
C THR C 140 7.20 -13.55 -14.18
N ILE C 141 6.97 -14.87 -14.22
CA ILE C 141 8.04 -15.82 -14.47
C ILE C 141 8.73 -15.50 -15.79
N ASN C 142 7.96 -15.08 -16.81
CA ASN C 142 8.50 -14.85 -18.14
C ASN C 142 9.52 -13.72 -18.17
N GLN C 143 9.23 -12.65 -17.41
CA GLN C 143 10.11 -11.50 -17.37
C GLN C 143 11.47 -11.89 -16.80
N PHE C 144 11.46 -12.86 -15.88
CA PHE C 144 12.71 -13.35 -15.31
C PHE C 144 13.37 -14.33 -16.28
N LEU C 145 12.56 -15.26 -16.84
CA LEU C 145 13.03 -16.25 -17.81
C LEU C 145 13.85 -15.58 -18.92
N THR C 146 13.26 -14.55 -19.53
CA THR C 146 13.85 -13.99 -20.74
C THR C 146 15.19 -13.36 -20.38
N GLN C 147 15.34 -12.85 -19.14
CA GLN C 147 16.63 -12.33 -18.71
C GLN C 147 17.62 -13.47 -18.49
N TYR C 148 17.15 -14.57 -17.87
CA TYR C 148 17.99 -15.74 -17.63
C TYR C 148 18.52 -16.28 -18.95
N PHE C 149 17.68 -16.27 -19.99
CA PHE C 149 18.04 -16.81 -21.30
C PHE C 149 19.28 -16.11 -21.86
N LEU C 150 19.49 -14.84 -21.52
CA LEU C 150 20.67 -14.18 -22.07
C LEU C 150 21.96 -14.80 -21.53
N HIS C 151 21.90 -15.76 -20.59
CA HIS C 151 23.12 -16.30 -20.00
C HIS C 151 23.47 -17.67 -20.55
N GLN C 152 22.76 -18.14 -21.58
CA GLN C 152 23.15 -19.40 -22.20
C GLN C 152 24.22 -19.11 -23.24
N GLN C 153 25.32 -19.88 -23.17
CA GLN C 153 26.36 -19.86 -24.19
C GLN C 153 26.39 -21.19 -24.95
N PRO C 154 25.86 -21.30 -26.20
CA PRO C 154 25.08 -20.25 -26.88
C PRO C 154 23.56 -20.44 -26.75
N ALA C 155 22.78 -19.46 -27.24
CA ALA C 155 21.34 -19.52 -27.08
C ALA C 155 20.85 -20.88 -27.60
N ASN C 156 19.89 -21.49 -26.91
CA ASN C 156 19.34 -22.77 -27.37
C ASN C 156 17.83 -22.69 -27.25
N CYS C 157 17.13 -22.74 -28.40
CA CYS C 157 15.69 -22.50 -28.51
C CYS C 157 14.90 -23.59 -27.80
N LYS C 158 15.41 -24.83 -27.78
CA LYS C 158 14.74 -25.95 -27.14
C LYS C 158 14.77 -25.72 -25.63
N VAL C 159 15.90 -25.20 -25.10
CA VAL C 159 16.05 -24.82 -23.70
C VAL C 159 15.00 -23.75 -23.37
N GLU C 160 14.93 -22.67 -24.16
CA GLU C 160 14.03 -21.57 -23.87
C GLU C 160 12.58 -22.04 -23.86
N SER C 161 12.20 -22.78 -24.91
CA SER C 161 10.86 -23.30 -25.04
C SER C 161 10.47 -24.18 -23.84
N LEU C 162 11.37 -25.08 -23.42
CA LEU C 162 11.05 -26.00 -22.33
C LEU C 162 10.94 -25.23 -21.01
N ALA C 163 11.73 -24.17 -20.87
CA ALA C 163 11.71 -23.35 -19.65
C ALA C 163 10.35 -22.66 -19.55
N MET C 164 9.91 -22.08 -20.67
CA MET C 164 8.60 -21.47 -20.80
C MET C 164 7.53 -22.47 -20.37
N PHE C 165 7.60 -23.69 -20.90
CA PHE C 165 6.56 -24.69 -20.73
C PHE C 165 6.47 -25.09 -19.24
N LEU C 166 7.64 -25.26 -18.62
CA LEU C 166 7.67 -25.66 -17.22
C LEU C 166 7.14 -24.51 -16.35
N GLY C 167 7.50 -23.26 -16.71
CA GLY C 167 6.97 -22.11 -16.00
C GLY C 167 5.44 -22.09 -16.09
N GLU C 168 4.91 -22.44 -17.27
CA GLU C 168 3.46 -22.39 -17.44
C GLU C 168 2.77 -23.49 -16.64
N LEU C 169 3.39 -24.68 -16.57
CA LEU C 169 2.76 -25.72 -15.78
C LEU C 169 2.53 -25.25 -14.34
N SER C 170 3.50 -24.52 -13.79
CA SER C 170 3.39 -24.03 -12.42
C SER C 170 2.15 -23.14 -12.19
N LEU C 171 1.72 -22.36 -13.20
CA LEU C 171 0.52 -21.55 -13.11
C LEU C 171 -0.72 -22.35 -12.70
N ILE C 172 -0.77 -23.63 -13.11
CA ILE C 172 -1.97 -24.44 -12.99
C ILE C 172 -2.26 -24.81 -11.52
N ASP C 173 -1.19 -24.98 -10.70
CA ASP C 173 -1.31 -25.64 -9.41
C ASP C 173 -0.90 -24.71 -8.25
N ALA C 174 -1.87 -24.04 -7.63
CA ALA C 174 -1.62 -23.14 -6.50
C ALA C 174 -0.81 -23.85 -5.43
N ASP C 175 -1.21 -25.09 -5.13
CA ASP C 175 -0.41 -25.97 -4.28
C ASP C 175 0.43 -26.86 -5.19
N PRO C 176 1.77 -26.74 -5.20
CA PRO C 176 2.51 -25.83 -4.32
C PRO C 176 2.95 -24.44 -4.75
N TYR C 177 2.72 -24.04 -6.01
CA TYR C 177 3.57 -23.00 -6.59
C TYR C 177 3.28 -21.61 -6.03
N LEU C 178 2.19 -21.44 -5.28
CA LEU C 178 1.94 -20.15 -4.65
C LEU C 178 3.05 -19.80 -3.66
N LYS C 179 3.75 -20.81 -3.14
CA LYS C 179 4.74 -20.53 -2.11
C LYS C 179 6.02 -19.93 -2.72
N TYR C 180 6.18 -20.00 -4.04
CA TYR C 180 7.42 -19.58 -4.68
C TYR C 180 7.17 -18.29 -5.45
N LEU C 181 8.20 -17.43 -5.42
CA LEU C 181 8.24 -16.18 -6.17
C LEU C 181 8.45 -16.47 -7.66
N PRO C 182 7.93 -15.60 -8.55
CA PRO C 182 8.22 -15.70 -9.98
C PRO C 182 9.70 -15.97 -10.29
N SER C 183 10.60 -15.25 -9.63
CA SER C 183 12.02 -15.31 -9.97
C SER C 183 12.61 -16.67 -9.64
N VAL C 184 12.05 -17.34 -8.62
CA VAL C 184 12.52 -18.64 -8.16
C VAL C 184 11.95 -19.78 -9.03
N ILE C 185 10.65 -19.72 -9.39
CA ILE C 185 10.09 -20.69 -10.33
C ILE C 185 10.79 -20.61 -11.69
N ALA C 186 11.10 -19.37 -12.09
CA ALA C 186 11.82 -19.14 -13.33
C ALA C 186 13.19 -19.79 -13.28
N ALA C 187 13.85 -19.73 -12.13
CA ALA C 187 15.21 -20.22 -11.98
C ALA C 187 15.22 -21.76 -11.99
N ALA C 188 14.28 -22.38 -11.28
CA ALA C 188 14.11 -23.83 -11.31
C ALA C 188 13.76 -24.30 -12.73
N ALA C 189 12.86 -23.59 -13.40
CA ALA C 189 12.44 -24.03 -14.72
C ALA C 189 13.59 -23.91 -15.73
N PHE C 190 14.41 -22.86 -15.59
CA PHE C 190 15.53 -22.65 -16.51
C PHE C 190 16.56 -23.77 -16.31
N HIS C 191 16.91 -24.02 -15.05
CA HIS C 191 17.88 -25.06 -14.73
C HIS C 191 17.33 -26.41 -15.21
N LEU C 192 16.04 -26.68 -14.96
CA LEU C 192 15.47 -27.97 -15.29
C LEU C 192 15.45 -28.18 -16.81
N ALA C 193 15.16 -27.10 -17.56
CA ALA C 193 15.10 -27.15 -19.01
C ALA C 193 16.48 -27.45 -19.58
N LEU C 194 17.47 -26.69 -19.10
CA LEU C 194 18.85 -26.74 -19.54
C LEU C 194 19.45 -28.11 -19.26
N TYR C 195 19.15 -28.66 -18.08
CA TYR C 195 19.61 -29.98 -17.69
C TYR C 195 18.98 -31.04 -18.60
N THR C 196 17.66 -30.96 -18.76
CA THR C 196 16.92 -31.90 -19.58
C THR C 196 17.49 -31.95 -21.00
N VAL C 197 17.81 -30.79 -21.59
CA VAL C 197 18.17 -30.72 -22.99
C VAL C 197 19.67 -30.95 -23.21
N THR C 198 20.50 -30.20 -22.49
CA THR C 198 21.94 -30.20 -22.77
C THR C 198 22.75 -30.94 -21.71
N GLY C 199 22.12 -31.31 -20.60
CA GLY C 199 22.89 -31.85 -19.49
C GLY C 199 23.50 -30.77 -18.59
N GLN C 200 23.43 -29.48 -18.98
CA GLN C 200 24.14 -28.47 -18.22
C GLN C 200 23.31 -28.02 -17.02
N SER C 201 23.85 -27.05 -16.27
CA SER C 201 23.34 -26.71 -14.94
C SER C 201 23.20 -25.19 -14.79
N TRP C 202 22.31 -24.74 -13.90
CA TRP C 202 22.24 -23.34 -13.47
C TRP C 202 23.63 -22.70 -13.47
N PRO C 203 23.97 -21.77 -14.39
CA PRO C 203 25.34 -21.23 -14.43
C PRO C 203 25.72 -20.23 -13.35
N GLU C 204 27.02 -20.24 -13.01
CA GLU C 204 27.55 -19.34 -11.99
C GLU C 204 27.17 -17.90 -12.32
N SER C 205 27.12 -17.57 -13.62
CA SER C 205 26.84 -16.18 -13.99
C SER C 205 25.45 -15.75 -13.49
N LEU C 206 24.56 -16.71 -13.28
CA LEU C 206 23.23 -16.41 -12.77
C LEU C 206 23.20 -16.46 -11.26
N VAL C 207 24.06 -17.27 -10.66
CA VAL C 207 24.36 -17.13 -9.25
C VAL C 207 24.78 -15.67 -8.96
N GLN C 208 25.72 -15.10 -9.73
CA GLN C 208 26.13 -13.71 -9.54
C GLN C 208 24.95 -12.74 -9.69
N LYS C 209 24.09 -12.97 -10.69
CA LYS C 209 23.02 -12.04 -11.02
C LYS C 209 21.95 -12.09 -9.92
N THR C 210 21.57 -13.32 -9.55
CA THR C 210 20.35 -13.57 -8.76
C THR C 210 20.68 -13.80 -7.29
N GLY C 211 21.85 -14.37 -7.03
CA GLY C 211 22.18 -14.80 -5.69
C GLY C 211 21.59 -16.17 -5.37
N TYR C 212 20.84 -16.78 -6.30
CA TYR C 212 20.32 -18.12 -6.09
C TYR C 212 21.38 -19.16 -6.45
N THR C 213 21.40 -20.27 -5.67
CA THR C 213 22.22 -21.45 -5.98
C THR C 213 21.28 -22.65 -6.11
N LEU C 214 21.82 -23.76 -6.61
CA LEU C 214 21.01 -24.96 -6.65
C LEU C 214 20.50 -25.33 -5.26
N GLU C 215 21.23 -24.92 -4.22
CA GLU C 215 20.79 -25.13 -2.84
C GLU C 215 19.51 -24.34 -2.56
N THR C 216 19.45 -23.08 -3.00
CA THR C 216 18.29 -22.26 -2.68
C THR C 216 17.12 -22.66 -3.59
N LEU C 217 17.44 -23.14 -4.81
CA LEU C 217 16.42 -23.55 -5.77
C LEU C 217 15.87 -24.95 -5.49
N LYS C 218 16.54 -25.72 -4.63
CA LYS C 218 16.29 -27.15 -4.52
C LYS C 218 14.81 -27.46 -4.25
N PRO C 219 14.18 -26.86 -3.22
CA PRO C 219 12.77 -27.13 -2.92
C PRO C 219 11.79 -26.93 -4.07
N CYS C 220 11.96 -25.83 -4.82
CA CYS C 220 11.10 -25.55 -5.97
C CYS C 220 11.45 -26.52 -7.10
N LEU C 221 12.72 -26.90 -7.15
CA LEU C 221 13.21 -27.78 -8.19
C LEU C 221 12.66 -29.19 -8.00
N LEU C 222 12.52 -29.64 -6.75
CA LEU C 222 11.96 -30.95 -6.49
C LEU C 222 10.47 -30.92 -6.83
N ASP C 223 9.79 -29.85 -6.45
CA ASP C 223 8.38 -29.71 -6.83
C ASP C 223 8.23 -29.73 -8.36
N LEU C 224 8.98 -28.87 -9.08
CA LEU C 224 8.83 -28.71 -10.51
C LEU C 224 9.16 -30.02 -11.23
N HIS C 225 10.23 -30.68 -10.76
CA HIS C 225 10.66 -31.96 -11.30
C HIS C 225 9.52 -32.99 -11.22
N GLN C 226 8.81 -33.02 -10.09
CA GLN C 226 7.66 -33.88 -9.87
C GLN C 226 6.51 -33.48 -10.79
N THR C 227 6.27 -32.18 -10.98
CA THR C 227 5.19 -31.74 -11.85
C THR C 227 5.48 -32.21 -13.29
N TYR C 228 6.71 -31.98 -13.74
CA TYR C 228 7.11 -32.37 -15.09
C TYR C 228 6.92 -33.88 -15.35
N LEU C 229 7.39 -34.75 -14.42
CA LEU C 229 7.19 -36.19 -14.49
C LEU C 229 5.72 -36.57 -14.61
N ARG C 230 4.83 -35.89 -13.87
CA ARG C 230 3.43 -36.32 -13.77
C ARG C 230 2.57 -35.64 -14.84
N ALA C 231 3.20 -34.79 -15.67
CA ALA C 231 2.47 -33.85 -16.51
C ALA C 231 1.53 -34.57 -17.46
N PRO C 232 1.94 -35.69 -18.11
CA PRO C 232 1.02 -36.45 -18.95
C PRO C 232 -0.26 -36.96 -18.29
N GLN C 233 -0.27 -37.06 -16.95
CA GLN C 233 -1.39 -37.66 -16.24
C GLN C 233 -2.25 -36.62 -15.51
N HIS C 234 -1.78 -35.36 -15.43
CA HIS C 234 -2.51 -34.27 -14.79
C HIS C 234 -3.87 -34.08 -15.49
N ALA C 235 -4.92 -33.83 -14.71
CA ALA C 235 -6.25 -33.60 -15.27
C ALA C 235 -6.23 -32.50 -16.35
N GLN C 236 -5.31 -31.53 -16.24
CA GLN C 236 -5.28 -30.41 -17.17
C GLN C 236 -4.14 -30.57 -18.16
N GLN C 237 -4.45 -30.46 -19.46
CA GLN C 237 -3.53 -30.87 -20.53
C GLN C 237 -3.29 -29.76 -21.56
N SER C 238 -3.95 -28.61 -21.41
CA SER C 238 -3.86 -27.54 -22.40
C SER C 238 -2.43 -27.04 -22.64
N ILE C 239 -1.65 -26.91 -21.57
CA ILE C 239 -0.27 -26.47 -21.72
C ILE C 239 0.51 -27.55 -22.50
N ARG C 240 0.30 -28.83 -22.21
CA ARG C 240 1.00 -29.87 -22.96
C ARG C 240 0.65 -29.81 -24.45
N GLU C 241 -0.63 -29.60 -24.76
CA GLU C 241 -1.12 -29.52 -26.14
C GLU C 241 -0.52 -28.31 -26.85
N LYS C 242 -0.56 -27.15 -26.21
CA LYS C 242 0.01 -25.95 -26.78
C LYS C 242 1.49 -26.17 -27.05
N TYR C 243 2.23 -26.79 -26.12
CA TYR C 243 3.66 -26.92 -26.32
C TYR C 243 4.07 -28.13 -27.19
N LYS C 244 3.10 -28.78 -27.86
CA LYS C 244 3.41 -29.75 -28.91
C LYS C 244 3.70 -29.03 -30.22
N ASN C 245 3.22 -27.80 -30.32
CA ASN C 245 3.33 -26.99 -31.53
C ASN C 245 4.79 -26.62 -31.82
N SER C 246 5.12 -26.60 -33.12
CA SER C 246 6.42 -26.23 -33.65
C SER C 246 6.85 -24.83 -33.21
N LYS C 247 5.89 -23.91 -33.03
CA LYS C 247 6.18 -22.58 -32.52
C LYS C 247 7.09 -22.68 -31.28
N TYR C 248 6.95 -23.80 -30.56
CA TYR C 248 7.58 -24.06 -29.28
C TYR C 248 8.51 -25.27 -29.40
N HIS C 249 8.90 -25.63 -30.63
CA HIS C 249 9.85 -26.71 -30.88
C HIS C 249 9.40 -28.02 -30.26
N GLY C 250 8.08 -28.21 -30.15
CA GLY C 250 7.44 -29.40 -29.62
C GLY C 250 8.04 -29.88 -28.29
N VAL C 251 8.35 -28.94 -27.38
CA VAL C 251 9.12 -29.32 -26.22
C VAL C 251 8.32 -30.24 -25.28
N SER C 252 6.99 -30.18 -25.31
CA SER C 252 6.19 -30.99 -24.39
C SER C 252 6.33 -32.46 -24.72
N LEU C 253 7.02 -32.76 -25.82
CA LEU C 253 7.23 -34.15 -26.21
C LEU C 253 8.55 -34.73 -25.69
N LEU C 254 9.46 -33.87 -25.18
CA LEU C 254 10.72 -34.30 -24.57
C LEU C 254 10.44 -35.12 -23.31
N ASN C 255 11.20 -36.20 -23.14
CA ASN C 255 11.13 -37.01 -21.94
C ASN C 255 11.79 -36.24 -20.79
N PRO C 256 11.09 -36.10 -19.63
CA PRO C 256 11.72 -35.54 -18.43
C PRO C 256 12.82 -36.48 -17.94
N PRO C 257 13.90 -35.95 -17.31
CA PRO C 257 14.95 -36.82 -16.79
C PRO C 257 14.45 -37.56 -15.54
N GLU C 258 15.00 -38.75 -15.28
CA GLU C 258 14.55 -39.62 -14.20
C GLU C 258 14.93 -39.06 -12.83
N THR C 259 16.11 -38.41 -12.78
CA THR C 259 16.75 -37.90 -11.57
C THR C 259 17.49 -36.61 -11.91
N LEU C 260 18.02 -35.93 -10.88
CA LEU C 260 18.47 -34.55 -10.97
C LEU C 260 19.92 -34.32 -10.53
N ASN C 261 20.36 -34.94 -9.41
CA ASN C 261 21.56 -34.58 -8.65
C ASN C 261 21.26 -33.48 -7.61
N SER D 4 -20.78 3.38 -5.92
CA SER D 4 -20.08 2.99 -4.67
C SER D 4 -20.60 1.62 -4.25
N MET D 5 -21.92 1.56 -4.19
CA MET D 5 -22.67 0.48 -3.59
C MET D 5 -23.53 -0.17 -4.66
N GLU D 6 -23.24 0.14 -5.92
CA GLU D 6 -23.98 -0.44 -7.04
C GLU D 6 -23.81 -1.95 -7.01
N ASN D 7 -22.68 -2.46 -6.48
CA ASN D 7 -22.42 -3.89 -6.57
C ASN D 7 -23.15 -4.69 -5.49
N PHE D 8 -23.65 -4.00 -4.46
CA PHE D 8 -24.31 -4.69 -3.36
C PHE D 8 -25.82 -4.71 -3.60
N GLN D 9 -26.43 -5.88 -3.35
CA GLN D 9 -27.86 -6.06 -3.31
C GLN D 9 -28.33 -6.34 -1.87
N LYS D 10 -29.19 -5.46 -1.33
CA LYS D 10 -29.83 -5.67 -0.04
C LYS D 10 -30.61 -6.99 -0.08
N VAL D 11 -30.55 -7.78 1.00
CA VAL D 11 -31.31 -9.02 1.10
C VAL D 11 -32.38 -8.88 2.20
N GLU D 12 -31.99 -8.44 3.40
CA GLU D 12 -32.93 -8.16 4.48
C GLU D 12 -32.21 -7.45 5.63
N LYS D 13 -32.97 -6.86 6.56
CA LYS D 13 -32.39 -6.20 7.74
C LYS D 13 -32.10 -7.26 8.80
N ILE D 14 -31.01 -7.08 9.55
CA ILE D 14 -30.63 -8.12 10.49
C ILE D 14 -30.31 -7.56 11.88
N GLY D 15 -30.59 -6.26 12.11
CA GLY D 15 -30.31 -5.67 13.42
C GLY D 15 -30.22 -4.16 13.29
N GLU D 16 -29.91 -3.48 14.40
CA GLU D 16 -29.92 -2.02 14.41
C GLU D 16 -29.01 -1.48 15.51
N GLY D 17 -29.28 -0.23 15.90
CA GLY D 17 -28.56 0.41 16.98
C GLY D 17 -28.32 1.90 16.70
N THR D 18 -27.85 2.63 17.72
CA THR D 18 -27.39 3.98 17.47
C THR D 18 -26.32 3.93 16.37
N TYR D 19 -25.62 2.79 16.27
CA TYR D 19 -24.65 2.49 15.21
C TYR D 19 -25.24 2.80 13.84
N GLY D 20 -26.48 2.35 13.63
CA GLY D 20 -27.19 2.54 12.38
C GLY D 20 -28.11 1.36 12.11
N VAL D 21 -28.15 0.94 10.85
CA VAL D 21 -28.94 -0.22 10.46
C VAL D 21 -28.02 -1.27 9.82
N VAL D 22 -28.23 -2.54 10.18
CA VAL D 22 -27.40 -3.63 9.69
C VAL D 22 -28.18 -4.48 8.69
N TYR D 23 -27.69 -4.53 7.44
CA TYR D 23 -28.34 -5.32 6.41
C TYR D 23 -27.45 -6.51 6.02
N LYS D 24 -28.12 -7.61 5.64
CA LYS D 24 -27.48 -8.68 4.89
C LYS D 24 -27.56 -8.32 3.41
N ALA D 25 -26.49 -8.63 2.66
CA ALA D 25 -26.38 -8.14 1.30
C ALA D 25 -25.51 -9.08 0.49
N ARG D 26 -25.66 -8.97 -0.84
CA ARG D 26 -24.96 -9.84 -1.76
C ARG D 26 -24.20 -8.96 -2.76
N ASN D 27 -22.92 -9.29 -2.93
CA ASN D 27 -22.09 -8.77 -4.00
C ASN D 27 -22.58 -9.43 -5.29
N LYS D 28 -22.94 -8.59 -6.27
CA LYS D 28 -23.52 -9.09 -7.51
C LYS D 28 -22.45 -9.75 -8.38
N LEU D 29 -21.20 -9.34 -8.19
CA LEU D 29 -20.15 -9.77 -9.09
C LEU D 29 -19.50 -11.03 -8.54
N THR D 30 -19.31 -11.10 -7.22
CA THR D 30 -18.59 -12.23 -6.64
C THR D 30 -19.55 -13.28 -6.02
N GLY D 31 -20.80 -12.89 -5.70
CA GLY D 31 -21.73 -13.77 -5.02
C GLY D 31 -21.49 -13.83 -3.51
N GLU D 32 -20.48 -13.11 -3.01
CA GLU D 32 -20.19 -13.11 -1.59
C GLU D 32 -21.34 -12.43 -0.83
N VAL D 33 -21.71 -13.06 0.27
CA VAL D 33 -22.73 -12.55 1.18
C VAL D 33 -21.98 -11.82 2.29
N VAL D 34 -22.48 -10.62 2.62
CA VAL D 34 -21.81 -9.71 3.54
C VAL D 34 -22.85 -9.11 4.49
N ALA D 35 -22.37 -8.48 5.58
CA ALA D 35 -23.24 -7.64 6.38
C ALA D 35 -22.78 -6.19 6.22
N LEU D 36 -23.72 -5.28 5.93
CA LEU D 36 -23.42 -3.86 5.82
C LEU D 36 -23.91 -3.14 7.07
N LYS D 37 -22.99 -2.41 7.72
CA LYS D 37 -23.36 -1.44 8.73
C LYS D 37 -23.36 -0.06 8.07
N LYS D 38 -24.54 0.58 8.02
CA LYS D 38 -24.69 1.91 7.45
C LYS D 38 -24.56 2.92 8.60
N ILE D 39 -23.56 3.81 8.53
CA ILE D 39 -23.30 4.80 9.57
C ILE D 39 -23.50 6.20 8.98
N ARG D 40 -24.58 6.86 9.40
CA ARG D 40 -24.88 8.19 8.91
C ARG D 40 -23.84 9.15 9.48
N LEU D 41 -23.29 10.01 8.62
CA LEU D 41 -22.34 11.01 9.06
C LEU D 41 -23.06 12.32 9.36
N ASP D 42 -22.63 12.99 10.44
CA ASP D 42 -23.21 14.26 10.84
C ASP D 42 -22.35 15.39 10.27
N THR D 43 -22.58 15.75 9.01
CA THR D 43 -21.61 16.56 8.28
C THR D 43 -21.72 18.07 8.56
N GLU D 44 -22.59 18.48 9.48
CA GLU D 44 -22.68 19.89 9.83
C GLU D 44 -22.60 20.07 11.35
N THR D 45 -22.48 18.95 12.09
CA THR D 45 -22.44 18.95 13.55
C THR D 45 -21.22 18.22 14.09
N GLU D 46 -21.26 16.88 14.16
CA GLU D 46 -20.28 16.12 14.92
C GLU D 46 -19.23 15.38 14.05
N GLY D 47 -19.55 15.10 12.77
CA GLY D 47 -18.68 14.39 11.84
C GLY D 47 -18.73 12.90 12.12
N VAL D 48 -17.58 12.23 11.99
CA VAL D 48 -17.55 10.79 12.08
C VAL D 48 -17.59 10.44 13.56
N PRO D 49 -18.57 9.61 14.00
CA PRO D 49 -18.67 9.27 15.41
C PRO D 49 -17.44 8.52 15.92
N SER D 50 -17.08 8.89 17.16
CA SER D 50 -15.93 8.28 17.79
C SER D 50 -16.05 6.75 17.81
N THR D 51 -17.26 6.20 18.00
CA THR D 51 -17.51 4.75 17.95
C THR D 51 -16.98 4.15 16.64
N ALA D 52 -17.25 4.84 15.53
CA ALA D 52 -16.95 4.31 14.21
C ALA D 52 -15.43 4.39 13.98
N ILE D 53 -14.82 5.47 14.48
CA ILE D 53 -13.39 5.71 14.33
C ILE D 53 -12.61 4.59 15.04
N ARG D 54 -13.08 4.23 16.23
CA ARG D 54 -12.46 3.16 16.99
C ARG D 54 -12.77 1.81 16.34
N GLU D 55 -14.05 1.55 16.00
CA GLU D 55 -14.39 0.24 15.45
C GLU D 55 -13.57 -0.02 14.18
N ILE D 56 -13.58 0.95 13.26
CA ILE D 56 -12.88 0.79 12.00
C ILE D 56 -11.37 0.60 12.19
N SER D 57 -10.73 1.49 12.96
CA SER D 57 -9.28 1.49 13.06
C SER D 57 -8.77 0.25 13.79
N LEU D 58 -9.54 -0.21 14.80
CA LEU D 58 -9.12 -1.35 15.59
C LEU D 58 -9.36 -2.64 14.79
N LEU D 59 -10.50 -2.72 14.07
CA LEU D 59 -10.78 -3.90 13.27
C LEU D 59 -9.83 -4.06 12.07
N LYS D 60 -9.31 -2.95 11.52
CA LYS D 60 -8.30 -3.03 10.47
C LYS D 60 -7.08 -3.83 10.95
N GLU D 61 -6.62 -3.55 12.17
CA GLU D 61 -5.40 -4.16 12.70
C GLU D 61 -5.61 -5.63 13.02
N LEU D 62 -6.75 -5.94 13.62
CA LEU D 62 -7.03 -7.28 14.13
C LEU D 62 -7.46 -8.18 12.98
N ASN D 63 -6.55 -9.06 12.53
CA ASN D 63 -6.87 -10.12 11.59
C ASN D 63 -6.60 -11.45 12.30
N HIS D 64 -7.68 -12.09 12.76
CA HIS D 64 -7.60 -13.37 13.44
C HIS D 64 -8.82 -14.20 13.08
N PRO D 65 -8.71 -15.54 13.00
CA PRO D 65 -9.84 -16.35 12.55
C PRO D 65 -11.07 -16.21 13.43
N ASN D 66 -10.91 -15.65 14.66
CA ASN D 66 -12.01 -15.62 15.62
C ASN D 66 -12.41 -14.18 15.94
N ILE D 67 -12.03 -13.25 15.07
CA ILE D 67 -12.51 -11.87 15.14
C ILE D 67 -13.17 -11.59 13.80
N VAL D 68 -14.39 -11.03 13.83
CA VAL D 68 -15.17 -10.79 12.63
C VAL D 68 -14.30 -9.96 11.68
N LYS D 69 -14.37 -10.25 10.38
CA LYS D 69 -13.52 -9.59 9.41
C LYS D 69 -14.25 -8.39 8.82
N LEU D 70 -13.57 -7.23 8.93
CA LEU D 70 -13.99 -6.02 8.24
C LEU D 70 -13.42 -6.04 6.82
N LEU D 71 -14.30 -6.06 5.81
CA LEU D 71 -13.83 -6.35 4.47
C LEU D 71 -13.49 -5.04 3.75
N ASP D 72 -14.28 -4.00 4.04
CA ASP D 72 -14.15 -2.77 3.28
C ASP D 72 -14.89 -1.65 4.01
N VAL D 73 -14.50 -0.41 3.68
CA VAL D 73 -15.20 0.77 4.15
C VAL D 73 -15.49 1.64 2.93
N ILE D 74 -16.77 2.00 2.75
CA ILE D 74 -17.18 2.75 1.57
C ILE D 74 -17.48 4.18 2.01
N HIS D 75 -16.61 5.12 1.62
CA HIS D 75 -16.67 6.50 2.06
C HIS D 75 -17.44 7.36 1.07
N THR D 76 -18.75 7.51 1.26
CA THR D 76 -19.49 8.60 0.62
C THR D 76 -19.24 9.89 1.42
N GLU D 77 -19.76 11.01 0.90
CA GLU D 77 -19.71 12.27 1.62
C GLU D 77 -20.71 12.30 2.77
N ASN D 78 -21.80 11.51 2.68
CA ASN D 78 -22.89 11.58 3.66
C ASN D 78 -23.02 10.30 4.51
N LYS D 79 -22.58 9.16 3.98
CA LYS D 79 -22.74 7.87 4.63
C LYS D 79 -21.40 7.13 4.70
N LEU D 80 -21.23 6.35 5.77
CA LEU D 80 -20.13 5.39 5.87
C LEU D 80 -20.74 3.99 5.85
N TYR D 81 -20.30 3.15 4.89
CA TYR D 81 -20.74 1.76 4.88
C TYR D 81 -19.59 0.85 5.28
N LEU D 82 -19.84 0.06 6.32
CA LEU D 82 -18.84 -0.93 6.75
C LEU D 82 -19.25 -2.29 6.18
N VAL D 83 -18.40 -2.85 5.32
CA VAL D 83 -18.66 -4.16 4.73
C VAL D 83 -17.97 -5.21 5.59
N PHE D 84 -18.76 -6.10 6.22
CA PHE D 84 -18.29 -7.16 7.09
C PHE D 84 -18.60 -8.52 6.47
N GLU D 85 -17.84 -9.56 6.85
CA GLU D 85 -18.20 -10.91 6.45
C GLU D 85 -19.52 -11.25 7.11
N PHE D 86 -20.36 -12.02 6.40
CA PHE D 86 -21.63 -12.50 6.94
C PHE D 86 -21.40 -13.77 7.75
N LEU D 87 -21.91 -13.79 8.97
CA LEU D 87 -21.96 -15.03 9.73
C LEU D 87 -23.42 -15.34 10.08
N HIS D 88 -23.77 -16.63 9.96
CA HIS D 88 -25.14 -17.15 9.96
C HIS D 88 -26.00 -16.57 11.09
N GLN D 89 -25.48 -16.52 12.34
CA GLN D 89 -26.18 -15.87 13.44
C GLN D 89 -25.27 -15.64 14.67
N ASP D 90 -25.87 -15.02 15.69
CA ASP D 90 -25.24 -14.75 16.97
C ASP D 90 -25.54 -15.88 17.95
N LEU D 91 -24.69 -15.95 18.98
CA LEU D 91 -24.70 -17.00 19.99
C LEU D 91 -26.02 -17.00 20.77
N LYS D 92 -26.55 -15.82 21.07
CA LYS D 92 -27.81 -15.64 21.79
C LYS D 92 -28.96 -16.33 21.06
N LYS D 93 -29.06 -16.15 19.74
CA LYS D 93 -30.15 -16.78 19.02
C LYS D 93 -29.96 -18.30 19.05
N PHE D 94 -28.69 -18.72 19.03
CA PHE D 94 -28.33 -20.12 19.05
C PHE D 94 -28.70 -20.70 20.43
N MET D 95 -28.37 -19.96 21.48
CA MET D 95 -28.72 -20.38 22.83
C MET D 95 -30.24 -20.51 22.93
N ASP D 96 -31.00 -19.49 22.54
CA ASP D 96 -32.46 -19.51 22.55
C ASP D 96 -32.96 -20.74 21.82
N ALA D 97 -32.44 -20.99 20.63
CA ALA D 97 -32.95 -22.09 19.82
C ALA D 97 -32.60 -23.41 20.51
N SER D 98 -31.60 -23.37 21.40
CA SER D 98 -31.09 -24.56 22.08
C SER D 98 -31.64 -24.70 23.50
N ALA D 99 -32.66 -23.91 23.86
CA ALA D 99 -33.06 -23.82 25.26
C ALA D 99 -33.57 -25.17 25.80
N LEU D 100 -34.28 -25.93 24.95
CA LEU D 100 -34.87 -27.19 25.39
C LEU D 100 -33.87 -28.32 25.20
N THR D 101 -33.16 -28.35 24.07
CA THR D 101 -32.31 -29.45 23.64
C THR D 101 -30.92 -29.39 24.29
N GLY D 102 -30.47 -28.19 24.64
CA GLY D 102 -29.13 -28.02 25.18
C GLY D 102 -28.08 -27.87 24.08
N ILE D 103 -26.88 -27.45 24.49
CA ILE D 103 -25.75 -27.36 23.58
C ILE D 103 -24.75 -28.44 23.99
N PRO D 104 -24.40 -29.38 23.10
CA PRO D 104 -23.46 -30.45 23.48
C PRO D 104 -22.17 -29.84 24.04
N LEU D 105 -21.56 -30.55 24.98
CA LEU D 105 -20.41 -30.06 25.74
C LEU D 105 -19.17 -29.86 24.85
N PRO D 106 -18.92 -30.73 23.84
CA PRO D 106 -17.88 -30.47 22.83
C PRO D 106 -17.97 -29.13 22.10
N LEU D 107 -19.20 -28.71 21.77
CA LEU D 107 -19.45 -27.42 21.17
C LEU D 107 -19.12 -26.30 22.17
N ILE D 108 -19.55 -26.46 23.42
CA ILE D 108 -19.32 -25.42 24.41
C ILE D 108 -17.81 -25.20 24.54
N LYS D 109 -17.06 -26.30 24.57
CA LYS D 109 -15.63 -26.28 24.79
C LYS D 109 -14.96 -25.57 23.61
N SER D 110 -15.32 -26.00 22.39
CA SER D 110 -14.84 -25.47 21.12
C SER D 110 -15.12 -23.97 21.10
N TYR D 111 -16.39 -23.61 21.34
CA TYR D 111 -16.79 -22.21 21.28
C TYR D 111 -15.98 -21.40 22.29
N LEU D 112 -15.82 -21.92 23.51
CA LEU D 112 -15.09 -21.21 24.55
C LEU D 112 -13.61 -21.10 24.19
N PHE D 113 -13.05 -22.18 23.62
CA PHE D 113 -11.65 -22.21 23.18
C PHE D 113 -11.40 -21.11 22.14
N GLN D 114 -12.32 -20.98 21.19
CA GLN D 114 -12.20 -20.02 20.10
C GLN D 114 -12.31 -18.59 20.62
N LEU D 115 -13.28 -18.34 21.51
CA LEU D 115 -13.52 -17.03 22.10
C LEU D 115 -12.27 -16.56 22.82
N LEU D 116 -11.57 -17.51 23.42
CA LEU D 116 -10.41 -17.19 24.22
C LEU D 116 -9.23 -16.84 23.31
N GLN D 117 -9.13 -17.58 22.19
CA GLN D 117 -8.10 -17.36 21.20
C GLN D 117 -8.29 -15.96 20.63
N GLY D 118 -9.55 -15.62 20.33
CA GLY D 118 -9.91 -14.33 19.75
C GLY D 118 -9.54 -13.21 20.71
N LEU D 119 -9.80 -13.44 21.98
CA LEU D 119 -9.69 -12.38 22.98
C LEU D 119 -8.23 -12.20 23.41
N ALA D 120 -7.46 -13.29 23.40
CA ALA D 120 -6.04 -13.20 23.73
C ALA D 120 -5.33 -12.42 22.64
N PHE D 121 -5.77 -12.59 21.39
CA PHE D 121 -5.26 -11.77 20.31
C PHE D 121 -5.61 -10.30 20.54
N CYS D 122 -6.83 -10.01 21.01
CA CYS D 122 -7.17 -8.62 21.31
C CYS D 122 -6.21 -8.06 22.34
N HIS D 123 -6.17 -8.72 23.50
CA HIS D 123 -5.32 -8.35 24.63
C HIS D 123 -3.85 -8.22 24.24
N SER D 124 -3.32 -9.16 23.41
CA SER D 124 -1.94 -9.19 22.97
C SER D 124 -1.64 -7.94 22.15
N HIS D 125 -2.71 -7.28 21.68
CA HIS D 125 -2.54 -6.13 20.75
C HIS D 125 -3.11 -4.84 21.32
N ARG D 126 -3.16 -4.71 22.65
CA ARG D 126 -3.56 -3.45 23.32
C ARG D 126 -5.05 -3.12 23.12
N VAL D 127 -5.91 -4.12 22.92
CA VAL D 127 -7.33 -3.77 22.64
C VAL D 127 -8.32 -4.39 23.64
N LEU D 128 -9.00 -3.57 24.43
CA LEU D 128 -10.12 -4.09 25.19
C LEU D 128 -11.36 -4.12 24.29
N HIS D 129 -12.21 -5.15 24.42
CA HIS D 129 -13.44 -5.23 23.65
C HIS D 129 -14.55 -4.46 24.37
N ARG D 130 -14.79 -4.82 25.64
CA ARG D 130 -15.65 -4.08 26.57
C ARG D 130 -17.14 -4.24 26.28
N ASP D 131 -17.50 -5.17 25.41
CA ASP D 131 -18.92 -5.44 25.21
C ASP D 131 -19.13 -6.89 24.80
N LEU D 132 -18.52 -7.80 25.55
CA LEU D 132 -18.69 -9.19 25.21
C LEU D 132 -20.03 -9.67 25.79
N LYS D 133 -20.89 -10.14 24.92
CA LYS D 133 -22.10 -10.81 25.34
C LYS D 133 -22.53 -11.69 24.18
N PRO D 134 -23.49 -12.61 24.39
CA PRO D 134 -23.81 -13.59 23.35
C PRO D 134 -24.28 -12.93 22.06
N GLN D 135 -24.92 -11.77 22.18
CA GLN D 135 -25.48 -11.05 21.04
C GLN D 135 -24.36 -10.52 20.12
N ASN D 136 -23.15 -10.31 20.66
CA ASN D 136 -22.04 -9.79 19.87
C ASN D 136 -21.05 -10.86 19.42
N LEU D 137 -21.41 -12.14 19.54
CA LEU D 137 -20.55 -13.25 19.14
C LEU D 137 -21.28 -14.00 18.03
N LEU D 138 -20.58 -14.20 16.91
CA LEU D 138 -21.25 -14.75 15.74
C LEU D 138 -20.70 -16.13 15.41
N ILE D 139 -21.60 -16.97 14.87
CA ILE D 139 -21.27 -18.35 14.56
C ILE D 139 -21.59 -18.60 13.09
N ASN D 140 -20.86 -19.52 12.46
CA ASN D 140 -21.22 -20.00 11.12
C ASN D 140 -21.68 -21.46 11.24
N THR D 141 -21.97 -22.06 10.09
CA THR D 141 -22.53 -23.41 10.01
C THR D 141 -21.43 -24.47 10.17
N GLU D 142 -20.18 -24.04 10.21
CA GLU D 142 -19.01 -24.92 10.11
C GLU D 142 -18.30 -25.04 11.44
N GLY D 143 -18.80 -24.36 12.47
CA GLY D 143 -18.31 -24.61 13.82
C GLY D 143 -17.42 -23.50 14.37
N ALA D 144 -17.27 -22.39 13.61
CA ALA D 144 -16.52 -21.21 14.04
C ALA D 144 -17.41 -20.28 14.86
N ILE D 145 -16.81 -19.63 15.87
CA ILE D 145 -17.40 -18.50 16.53
C ILE D 145 -16.40 -17.35 16.50
N LYS D 146 -16.90 -16.10 16.43
CA LYS D 146 -16.03 -14.94 16.33
C LYS D 146 -16.51 -13.78 17.21
N LEU D 147 -15.55 -12.99 17.73
CA LEU D 147 -15.82 -11.73 18.42
C LEU D 147 -16.35 -10.76 17.39
N ALA D 148 -17.45 -10.06 17.71
CA ALA D 148 -17.93 -8.98 16.85
C ALA D 148 -18.33 -7.77 17.67
N ASP D 149 -18.87 -6.78 16.97
CA ASP D 149 -19.28 -5.50 17.50
C ASP D 149 -18.18 -4.86 18.36
N PHE D 150 -17.16 -4.34 17.68
CA PHE D 150 -16.08 -3.62 18.34
C PHE D 150 -16.43 -2.15 18.55
N GLY D 151 -17.72 -1.80 18.58
CA GLY D 151 -18.12 -0.40 18.75
C GLY D 151 -17.76 0.19 20.12
N LEU D 152 -17.61 -0.66 21.14
CA LEU D 152 -17.29 -0.14 22.45
C LEU D 152 -15.84 -0.47 22.84
N ALA D 153 -15.07 -0.90 21.86
CA ALA D 153 -13.68 -1.31 22.11
C ALA D 153 -12.74 -0.12 22.32
N ARG D 154 -11.57 -0.38 22.89
CA ARG D 154 -10.61 0.71 23.18
C ARG D 154 -9.16 0.23 23.10
N ALA D 155 -8.29 1.05 22.51
CA ALA D 155 -6.85 0.72 22.50
C ALA D 155 -6.29 1.17 23.84
N PHE D 156 -5.66 0.26 24.56
CA PHE D 156 -5.24 0.60 25.90
C PHE D 156 -3.72 0.78 25.88
N GLY D 157 -3.21 1.48 26.92
CA GLY D 157 -1.80 1.60 27.18
C GLY D 157 -1.38 0.75 28.38
N VAL D 158 -0.06 0.65 28.60
CA VAL D 158 0.51 -0.10 29.71
C VAL D 158 1.39 0.82 30.54
N PRO D 159 1.05 1.07 31.83
CA PRO D 159 -0.18 0.56 32.44
C PRO D 159 -1.41 1.37 32.01
N VAL D 160 -2.60 0.81 32.28
CA VAL D 160 -3.87 1.36 31.84
C VAL D 160 -4.12 2.68 32.55
N ARG D 161 -4.93 3.55 31.93
CA ARG D 161 -5.44 4.74 32.62
C ARG D 161 -6.95 4.58 32.84
N THR D 162 -7.56 5.55 33.57
CA THR D 162 -9.01 5.62 33.69
C THR D 162 -9.65 5.75 32.30
N TYR D 163 -10.59 4.84 32.03
CA TYR D 163 -11.28 4.77 30.76
C TYR D 163 -12.77 4.99 31.03
N TPO D 164 -13.59 4.89 29.98
CA TPO D 164 -15.02 5.15 30.11
CB TPO D 164 -15.68 5.01 28.73
CG2 TPO D 164 -17.14 5.42 28.72
OG1 TPO D 164 -14.92 5.95 27.93
P TPO D 164 -14.07 5.45 26.66
O1P TPO D 164 -12.89 4.66 27.17
O2P TPO D 164 -13.69 6.72 25.88
O3P TPO D 164 -15.04 4.54 25.91
C TPO D 164 -15.63 4.16 31.09
O TPO D 164 -15.39 2.96 30.99
N HIS D 165 -16.41 4.68 32.05
CA HIS D 165 -17.10 3.83 33.01
C HIS D 165 -18.24 3.06 32.34
N GLU D 166 -19.02 3.74 31.50
CA GLU D 166 -20.24 3.18 30.95
C GLU D 166 -19.88 2.19 29.84
N VAL D 167 -19.40 1.01 30.25
CA VAL D 167 -18.95 -0.01 29.31
C VAL D 167 -19.50 -1.35 29.79
N VAL D 168 -19.80 -2.23 28.82
CA VAL D 168 -20.28 -3.60 29.03
C VAL D 168 -21.76 -3.55 29.45
N THR D 169 -22.60 -4.33 28.75
CA THR D 169 -23.98 -4.55 29.18
C THR D 169 -24.03 -5.12 30.60
N LEU D 170 -25.00 -4.64 31.40
CA LEU D 170 -25.08 -4.86 32.84
C LEU D 170 -24.76 -6.30 33.26
N TRP D 171 -25.52 -7.25 32.69
CA TRP D 171 -25.40 -8.66 33.05
C TRP D 171 -23.96 -9.16 32.93
N TYR D 172 -23.16 -8.52 32.07
CA TYR D 172 -21.87 -9.09 31.73
C TYR D 172 -20.74 -8.26 32.32
N ARG D 173 -21.10 -7.26 33.15
CA ARG D 173 -20.17 -6.28 33.67
C ARG D 173 -19.44 -6.83 34.90
N ALA D 174 -18.12 -6.65 34.91
CA ALA D 174 -17.28 -7.16 35.99
C ALA D 174 -17.47 -6.30 37.24
N PRO D 175 -17.22 -6.85 38.45
CA PRO D 175 -17.38 -6.08 39.69
C PRO D 175 -16.52 -4.81 39.83
N GLU D 176 -15.30 -4.81 39.26
CA GLU D 176 -14.46 -3.60 39.31
C GLU D 176 -15.12 -2.40 38.62
N ILE D 177 -16.03 -2.67 37.67
CA ILE D 177 -16.74 -1.61 36.96
C ILE D 177 -17.97 -1.22 37.77
N LEU D 178 -18.67 -2.20 38.34
CA LEU D 178 -19.89 -1.92 39.08
C LEU D 178 -19.59 -1.00 40.24
N LEU D 179 -18.44 -1.22 40.91
CA LEU D 179 -18.02 -0.49 42.10
C LEU D 179 -17.27 0.78 41.72
N GLY D 180 -17.00 0.96 40.43
CA GLY D 180 -16.44 2.19 39.91
C GLY D 180 -15.00 2.38 40.40
N CYS D 181 -14.20 1.30 40.33
CA CYS D 181 -12.78 1.33 40.62
C CYS D 181 -12.07 2.20 39.59
N LYS D 182 -11.14 3.04 40.06
CA LYS D 182 -10.45 4.02 39.23
C LYS D 182 -9.87 3.38 37.96
N TYR D 183 -9.37 2.13 38.08
CA TYR D 183 -8.69 1.46 36.98
C TYR D 183 -9.38 0.13 36.65
N TYR D 184 -9.44 -0.22 35.35
CA TYR D 184 -9.92 -1.52 34.94
C TYR D 184 -9.12 -1.97 33.70
N SER D 185 -9.05 -3.29 33.48
CA SER D 185 -8.13 -3.81 32.48
C SER D 185 -8.68 -5.07 31.81
N THR D 186 -7.80 -5.89 31.18
CA THR D 186 -8.19 -7.04 30.37
C THR D 186 -9.12 -7.94 31.16
N ALA D 187 -8.97 -7.92 32.49
CA ALA D 187 -9.76 -8.77 33.38
C ALA D 187 -11.26 -8.63 33.13
N VAL D 188 -11.73 -7.43 32.76
CA VAL D 188 -13.15 -7.16 32.53
C VAL D 188 -13.68 -8.06 31.42
N ASP D 189 -12.89 -8.27 30.35
CA ASP D 189 -13.33 -9.07 29.23
C ASP D 189 -13.39 -10.54 29.59
N ILE D 190 -12.49 -10.96 30.47
CA ILE D 190 -12.49 -12.36 30.91
C ILE D 190 -13.79 -12.58 31.71
N TRP D 191 -14.13 -11.65 32.61
CA TRP D 191 -15.35 -11.82 33.38
C TRP D 191 -16.52 -12.09 32.45
N SER D 192 -16.63 -11.30 31.39
CA SER D 192 -17.71 -11.45 30.42
C SER D 192 -17.74 -12.87 29.83
N LEU D 193 -16.57 -13.34 29.35
CA LEU D 193 -16.48 -14.69 28.81
C LEU D 193 -16.85 -15.70 29.88
N GLY D 194 -16.54 -15.39 31.14
CA GLY D 194 -16.95 -16.24 32.25
C GLY D 194 -18.47 -16.39 32.26
N CYS D 195 -19.16 -15.25 32.22
CA CYS D 195 -20.60 -15.24 32.28
C CYS D 195 -21.16 -16.03 31.09
N ILE D 196 -20.50 -15.91 29.95
CA ILE D 196 -20.98 -16.49 28.71
C ILE D 196 -20.82 -18.01 28.75
N PHE D 197 -19.68 -18.47 29.30
CA PHE D 197 -19.41 -19.89 29.45
C PHE D 197 -20.56 -20.54 30.21
N ALA D 198 -20.78 -20.04 31.45
CA ALA D 198 -21.90 -20.44 32.28
C ALA D 198 -23.19 -20.46 31.48
N GLU D 199 -23.36 -19.47 30.58
CA GLU D 199 -24.61 -19.28 29.86
C GLU D 199 -24.79 -20.31 28.75
N MET D 200 -23.68 -20.76 28.14
CA MET D 200 -23.81 -21.79 27.11
C MET D 200 -24.25 -23.13 27.73
N VAL D 201 -23.85 -23.35 28.99
CA VAL D 201 -24.18 -24.56 29.71
C VAL D 201 -25.66 -24.59 30.12
N THR D 202 -26.15 -23.51 30.78
CA THR D 202 -27.51 -23.46 31.33
C THR D 202 -28.49 -22.88 30.31
N ARG D 203 -27.95 -22.11 29.36
CA ARG D 203 -28.71 -21.43 28.31
C ARG D 203 -29.58 -20.33 28.90
N ARG D 204 -29.16 -19.83 30.08
CA ARG D 204 -29.80 -18.69 30.73
C ARG D 204 -28.69 -17.89 31.39
N ALA D 205 -28.80 -16.55 31.39
CA ALA D 205 -27.72 -15.71 31.91
C ALA D 205 -27.41 -16.07 33.37
N LEU D 206 -26.14 -15.93 33.73
CA LEU D 206 -25.68 -16.21 35.08
C LEU D 206 -26.13 -15.12 36.05
N PHE D 207 -26.08 -13.85 35.64
CA PHE D 207 -26.28 -12.77 36.61
C PHE D 207 -27.26 -11.75 36.02
N PRO D 208 -28.55 -12.10 35.93
CA PRO D 208 -29.51 -11.23 35.24
C PRO D 208 -30.04 -10.13 36.16
N GLY D 209 -29.16 -9.19 36.56
CA GLY D 209 -29.56 -8.14 37.50
C GLY D 209 -30.52 -7.12 36.88
N ASP D 210 -31.38 -6.55 37.73
CA ASP D 210 -32.41 -5.58 37.35
C ASP D 210 -31.87 -4.17 37.46
N SER D 211 -30.69 -4.04 38.08
CA SER D 211 -30.11 -2.75 38.44
C SER D 211 -28.70 -3.01 38.96
N GLU D 212 -27.97 -1.94 39.24
CA GLU D 212 -26.58 -2.08 39.66
C GLU D 212 -26.45 -2.83 40.98
N ILE D 213 -27.33 -2.53 41.94
CA ILE D 213 -27.32 -3.22 43.22
C ILE D 213 -27.72 -4.70 43.08
N ASP D 214 -28.77 -4.98 42.27
CA ASP D 214 -29.24 -6.34 42.06
C ASP D 214 -28.11 -7.17 41.47
N GLN D 215 -27.39 -6.59 40.50
CA GLN D 215 -26.24 -7.24 39.87
C GLN D 215 -25.21 -7.59 40.94
N LEU D 216 -24.87 -6.61 41.77
CA LEU D 216 -23.84 -6.79 42.77
C LEU D 216 -24.22 -7.95 43.69
N PHE D 217 -25.46 -7.92 44.19
CA PHE D 217 -25.96 -8.93 45.10
C PHE D 217 -25.92 -10.32 44.48
N ARG D 218 -26.30 -10.42 43.19
CA ARG D 218 -26.31 -11.71 42.51
C ARG D 218 -24.90 -12.28 42.45
N ILE D 219 -23.92 -11.42 42.17
CA ILE D 219 -22.53 -11.81 42.11
C ILE D 219 -22.03 -12.22 43.50
N PHE D 220 -22.44 -11.46 44.52
CA PHE D 220 -22.00 -11.72 45.88
C PHE D 220 -22.52 -13.07 46.37
N ARG D 221 -23.84 -13.26 46.34
CA ARG D 221 -24.41 -14.50 46.86
C ARG D 221 -23.88 -15.72 46.12
N THR D 222 -23.41 -15.55 44.87
CA THR D 222 -22.98 -16.69 44.10
C THR D 222 -21.51 -16.98 44.35
N LEU D 223 -20.70 -15.95 44.61
CA LEU D 223 -19.28 -16.22 44.67
C LEU D 223 -18.66 -15.89 46.03
N GLY D 224 -19.44 -15.37 46.98
CA GLY D 224 -18.86 -14.95 48.26
C GLY D 224 -19.93 -14.66 49.29
N VAL D 256 -23.51 -24.17 38.33
CA VAL D 256 -23.82 -24.76 36.98
C VAL D 256 -23.74 -26.29 37.05
N PRO D 257 -24.88 -27.00 37.18
CA PRO D 257 -24.90 -28.48 37.27
C PRO D 257 -24.08 -29.33 36.30
N PRO D 258 -24.28 -29.21 34.96
CA PRO D 258 -23.73 -30.19 34.02
C PRO D 258 -22.23 -30.06 33.69
N LEU D 259 -21.51 -29.25 34.46
CA LEU D 259 -20.12 -28.97 34.15
C LEU D 259 -19.20 -29.91 34.94
N ASP D 260 -18.20 -30.50 34.26
CA ASP D 260 -17.23 -31.38 34.89
C ASP D 260 -16.37 -30.59 35.89
N GLU D 261 -15.44 -31.28 36.55
CA GLU D 261 -14.59 -30.67 37.57
C GLU D 261 -13.65 -29.62 36.97
N ASP D 262 -13.15 -29.90 35.75
CA ASP D 262 -12.21 -29.00 35.09
C ASP D 262 -12.94 -27.74 34.64
N GLY D 263 -14.13 -27.97 34.06
CA GLY D 263 -15.06 -26.93 33.67
C GLY D 263 -15.30 -25.95 34.82
N ARG D 264 -15.67 -26.50 35.97
CA ARG D 264 -15.98 -25.71 37.14
C ARG D 264 -14.73 -24.98 37.62
N SER D 265 -13.55 -25.57 37.42
CA SER D 265 -12.34 -24.95 37.90
C SER D 265 -12.06 -23.68 37.10
N LEU D 266 -12.08 -23.82 35.77
CA LEU D 266 -11.79 -22.73 34.85
C LEU D 266 -12.77 -21.57 35.05
N LEU D 267 -14.07 -21.89 35.14
CA LEU D 267 -15.14 -20.94 35.35
C LEU D 267 -14.82 -20.06 36.55
N SER D 268 -14.45 -20.70 37.66
CA SER D 268 -14.25 -19.95 38.90
C SER D 268 -13.01 -19.06 38.81
N GLN D 269 -12.06 -19.43 37.94
CA GLN D 269 -10.85 -18.64 37.76
C GLN D 269 -11.12 -17.48 36.81
N MET D 270 -12.08 -17.70 35.89
CA MET D 270 -12.58 -16.64 35.04
C MET D 270 -13.48 -15.69 35.84
N LEU D 271 -14.06 -16.16 36.94
CA LEU D 271 -15.00 -15.34 37.67
C LEU D 271 -14.43 -14.95 39.03
N HIS D 272 -13.10 -14.84 39.12
CA HIS D 272 -12.48 -14.47 40.38
C HIS D 272 -12.86 -13.03 40.68
N TYR D 273 -13.19 -12.74 41.95
CA TYR D 273 -13.51 -11.40 42.36
C TYR D 273 -12.35 -10.46 42.11
N ASP D 274 -11.13 -10.87 42.49
CA ASP D 274 -9.99 -9.98 42.33
C ASP D 274 -9.59 -9.97 40.86
N PRO D 275 -9.60 -8.78 40.19
CA PRO D 275 -9.12 -8.66 38.82
C PRO D 275 -7.68 -9.14 38.62
N ASN D 276 -6.80 -8.91 39.62
CA ASN D 276 -5.41 -9.32 39.55
C ASN D 276 -5.29 -10.83 39.60
N LYS D 277 -6.27 -11.49 40.23
CA LYS D 277 -6.21 -12.92 40.44
C LYS D 277 -6.95 -13.63 39.32
N ARG D 278 -7.79 -12.89 38.58
CA ARG D 278 -8.60 -13.47 37.52
C ARG D 278 -7.69 -14.07 36.45
N ILE D 279 -8.07 -15.26 35.94
CA ILE D 279 -7.25 -15.94 34.96
C ILE D 279 -7.12 -15.03 33.73
N SER D 280 -6.01 -15.14 33.01
CA SER D 280 -5.91 -14.39 31.76
C SER D 280 -6.37 -15.29 30.62
N ALA D 281 -6.64 -14.65 29.48
CA ALA D 281 -7.02 -15.37 28.29
C ALA D 281 -5.90 -16.33 27.89
N LYS D 282 -4.67 -15.83 27.93
CA LYS D 282 -3.53 -16.64 27.52
C LYS D 282 -3.47 -17.87 28.45
N ALA D 283 -3.53 -17.62 29.76
CA ALA D 283 -3.43 -18.73 30.70
C ALA D 283 -4.56 -19.75 30.50
N ALA D 284 -5.77 -19.24 30.23
CA ALA D 284 -6.95 -20.07 30.16
C ALA D 284 -6.86 -21.04 28.98
N LEU D 285 -6.16 -20.66 27.91
CA LEU D 285 -5.97 -21.51 26.75
C LEU D 285 -5.19 -22.78 27.09
N ALA D 286 -4.35 -22.72 28.13
CA ALA D 286 -3.61 -23.88 28.59
C ALA D 286 -4.52 -24.81 29.41
N HIS D 287 -5.41 -24.23 30.21
CA HIS D 287 -6.23 -24.96 31.18
C HIS D 287 -6.59 -26.38 30.71
N PRO D 288 -6.54 -27.38 31.63
CA PRO D 288 -6.86 -28.77 31.28
C PRO D 288 -8.20 -28.97 30.59
N PHE D 289 -9.16 -28.09 30.87
CA PHE D 289 -10.48 -28.26 30.30
C PHE D 289 -10.35 -28.49 28.80
N PHE D 290 -9.32 -27.87 28.19
CA PHE D 290 -9.22 -27.79 26.73
C PHE D 290 -8.31 -28.88 26.15
N GLN D 291 -7.79 -29.77 27.01
CA GLN D 291 -6.80 -30.75 26.58
C GLN D 291 -7.39 -31.68 25.52
N ASP D 292 -8.72 -31.81 25.49
CA ASP D 292 -9.37 -32.73 24.55
C ASP D 292 -10.25 -32.00 23.52
N VAL D 293 -10.01 -30.70 23.30
CA VAL D 293 -10.92 -29.89 22.49
C VAL D 293 -10.91 -30.34 21.03
N THR D 294 -12.10 -30.37 20.40
CA THR D 294 -12.31 -30.62 18.98
C THR D 294 -12.98 -29.39 18.35
N LYS D 295 -13.54 -29.57 17.15
CA LYS D 295 -14.26 -28.50 16.47
C LYS D 295 -15.53 -29.05 15.82
N PRO D 296 -16.60 -29.37 16.59
CA PRO D 296 -17.89 -29.76 16.00
C PRO D 296 -18.60 -28.65 15.22
N VAL D 297 -19.37 -29.08 14.21
CA VAL D 297 -20.39 -28.24 13.57
C VAL D 297 -21.59 -28.18 14.51
N PRO D 298 -22.39 -27.09 14.56
CA PRO D 298 -23.61 -27.06 15.38
C PRO D 298 -24.85 -27.55 14.66
N HIS D 299 -25.90 -27.84 15.45
N HIS D 299 -25.90 -27.99 15.39
CA HIS D 299 -27.25 -28.16 14.99
CA HIS D 299 -27.15 -28.32 14.71
C HIS D 299 -27.96 -26.89 14.54
C HIS D 299 -27.96 -27.05 14.48
N LEU D 300 -27.80 -26.51 13.26
CA LEU D 300 -28.51 -25.38 12.69
C LEU D 300 -29.55 -25.89 11.67
O8 1P8 E . -4.80 33.38 14.65
C7 1P8 E . -4.02 32.43 14.76
C6 1P8 E . -3.50 31.80 16.03
N9 1P8 E . -3.47 31.76 13.71
C10 1P8 E . -2.87 30.57 14.14
C11 1P8 E . -2.35 29.55 13.37
C2 1P8 E . -1.83 28.46 14.07
BR1 1P8 E . -1.13 27.00 13.06
C5 1P8 E . -2.87 30.53 15.53
C4 1P8 E . -2.33 29.45 16.18
C3 1P8 E . -1.80 28.40 15.44
O8 1P8 F . -0.67 32.72 14.25
C7 1P8 F . -0.14 32.61 15.36
C6 1P8 F . 0.12 33.71 16.37
N9 1P8 F . 0.24 31.44 15.92
C10 1P8 F . 0.29 31.58 17.32
C11 1P8 F . 0.37 30.60 18.29
C2 1P8 F . 0.40 31.02 19.61
BR1 1P8 F . 0.54 29.67 20.94
C5 1P8 F . 0.21 32.93 17.66
C4 1P8 F . 0.23 33.32 18.98
C3 1P8 F . 0.33 32.34 19.98
O8 1P8 G . 6.18 9.68 18.51
C7 1P8 G . 6.94 10.39 17.86
C6 1P8 G . 7.87 9.96 16.75
N9 1P8 G . 7.12 11.71 18.08
C10 1P8 G . 7.89 12.27 17.04
C11 1P8 G . 8.18 13.60 16.83
C2 1P8 G . 8.96 13.87 15.73
BR1 1P8 G . 9.37 15.70 15.39
C5 1P8 G . 8.38 11.26 16.21
C4 1P8 G . 9.15 11.57 15.12
C3 1P8 G . 9.43 12.91 14.87
O8 1P8 H . -6.39 3.03 -3.57
C7 1P8 H . -5.67 3.29 -4.54
C6 1P8 H . -5.76 2.74 -5.95
N9 1P8 H . -4.68 4.21 -4.55
C10 1P8 H . -4.48 4.68 -5.87
C11 1P8 H . -3.81 5.80 -6.28
C2 1P8 H . -3.75 5.98 -7.63
BR1 1P8 H . -2.81 7.48 -8.27
C5 1P8 H . -5.10 3.81 -6.76
C4 1P8 H . -5.06 4.05 -8.11
C3 1P8 H . -4.35 5.14 -8.55
O8 1P8 I . 0.02 13.45 -18.22
C7 1P8 I . -0.45 14.58 -18.13
C6 1P8 I . -1.20 15.38 -19.19
N9 1P8 I . -0.41 15.35 -17.01
C10 1P8 I . -0.72 16.68 -17.30
C11 1P8 I . -0.60 17.78 -16.49
C2 1P8 I . -0.96 18.99 -17.03
BR1 1P8 I . -0.73 20.49 -15.88
C5 1P8 I . -1.21 16.77 -18.61
C4 1P8 I . -1.58 18.01 -19.13
C3 1P8 I . -1.45 19.15 -18.32
O8 1P8 J . 32.54 17.45 -16.86
O8 1P8 J . 31.71 17.12 -15.54
C7 1P8 J . 31.50 17.10 -16.30
C7 1P8 J . 30.84 17.48 -14.74
C6 1P8 J . 30.46 16.13 -16.82
C6 1P8 J . 31.05 18.35 -13.52
N9 1P8 J . 31.05 17.56 -15.10
N9 1P8 J . 29.53 17.14 -14.79
C10 1P8 J . 29.68 17.29 -14.94
C10 1P8 J . 28.82 17.65 -13.69
C11 1P8 J . 28.81 17.76 -13.98
C11 1P8 J . 27.50 17.48 -13.37
C2 1P8 J . 27.49 17.33 -14.08
C2 1P8 J . 27.05 18.08 -12.20
BR1 1P8 J . 26.27 17.97 -12.77
BR1 1P8 J . 25.21 17.83 -11.74
C5 1P8 J . 29.26 16.43 -15.97
C5 1P8 J . 29.69 18.39 -12.88
C4 1P8 J . 27.94 16.02 -16.01
C4 1P8 J . 29.21 18.99 -11.73
C3 1P8 J . 27.05 16.47 -15.06
C3 1P8 J . 27.87 18.84 -11.39
O8 1P8 K . 9.00 -0.04 -48.13
C7 1P8 K . 8.93 1.18 -47.92
C6 1P8 K . 7.72 2.08 -48.10
N9 1P8 K . 9.92 1.95 -47.43
C10 1P8 K . 9.35 3.00 -46.70
C11 1P8 K . 9.92 3.81 -45.74
C2 1P8 K . 9.10 4.74 -45.16
BR1 1P8 K . 9.87 5.88 -43.85
C5 1P8 K . 8.00 3.13 -47.06
C4 1P8 K . 7.21 4.09 -46.46
C3 1P8 K . 7.77 4.92 -45.50
O8 1P8 L . -7.39 5.89 -4.91
C7 1P8 L . -7.98 5.04 -5.58
C6 1P8 L . -7.67 3.56 -5.64
N9 1P8 L . -8.99 5.27 -6.45
C10 1P8 L . -9.12 4.22 -7.36
C11 1P8 L . -9.86 4.16 -8.52
C2 1P8 L . -9.78 2.97 -9.24
BR1 1P8 L . -10.76 2.81 -10.87
C5 1P8 L . -8.33 3.15 -6.93
C4 1P8 L . -8.28 1.99 -7.67
C3 1P8 L . -9.01 1.90 -8.84
O8 1P8 M . 2.67 -6.18 -8.50
C7 1P8 M . 2.23 -5.12 -8.10
C6 1P8 M . 1.70 -4.85 -6.71
N9 1P8 M . 2.24 -3.93 -8.75
C10 1P8 M . 2.34 -2.89 -7.81
C11 1P8 M . 2.72 -1.57 -7.99
C2 1P8 M . 2.75 -0.78 -6.85
BR1 1P8 M . 3.23 1.04 -7.06
C5 1P8 M . 2.06 -3.40 -6.54
C4 1P8 M . 2.09 -2.58 -5.42
C3 1P8 M . 2.45 -1.24 -5.58
O8 1P8 N . -19.72 -24.69 -10.53
C7 1P8 N . -18.64 -24.59 -11.10
C6 1P8 N . -17.48 -25.57 -11.06
N9 1P8 N . -18.27 -23.55 -11.90
C10 1P8 N . -16.91 -23.63 -12.23
C11 1P8 N . -16.14 -22.71 -12.90
C2 1P8 N . -14.81 -23.02 -13.09
BR1 1P8 N . -13.74 -21.77 -14.05
C5 1P8 N . -16.37 -24.83 -11.75
C4 1P8 N . -15.04 -25.12 -11.96
C3 1P8 N . -14.24 -24.20 -12.64
O8 1P8 O . -19.84 -28.05 -17.75
C7 1P8 O . -19.23 -27.00 -17.60
C6 1P8 O . -19.63 -25.84 -16.73
N9 1P8 O . -18.04 -26.69 -18.19
C10 1P8 O . -17.49 -25.52 -17.64
C11 1P8 O . -16.26 -24.94 -17.88
C2 1P8 O . -15.97 -23.77 -17.19
BR1 1P8 O . -14.28 -22.93 -17.48
C5 1P8 O . -18.40 -24.96 -16.74
C4 1P8 O . -18.09 -23.80 -16.07
C3 1P8 O . -16.86 -23.20 -16.30
O8 1P8 P . -19.46 -6.14 14.32
C7 1P8 P . -20.41 -6.42 13.59
C6 1P8 P . -21.89 -6.16 13.84
N9 1P8 P . -20.33 -7.13 12.44
C10 1P8 P . -21.52 -7.85 12.27
C11 1P8 P . -21.74 -8.93 11.45
C2 1P8 P . -23.02 -9.47 11.50
BR1 1P8 P . -23.34 -11.00 10.40
C5 1P8 P . -22.50 -7.32 13.10
C4 1P8 P . -23.77 -7.88 13.13
C3 1P8 P . -24.03 -8.98 12.31
O8 1P8 Q . -11.34 3.84 1.36
C7 1P8 Q . -10.99 3.06 2.25
C6 1P8 Q . -10.42 3.43 3.61
N9 1P8 Q . -11.06 1.71 2.18
C10 1P8 Q . -10.94 1.14 3.45
C11 1P8 Q . -11.17 -0.16 3.85
C2 1P8 Q . -10.97 -0.44 5.19
BR1 1P8 Q . -11.26 -2.22 5.82
C5 1P8 Q . -10.54 2.13 4.36
C4 1P8 Q . -10.37 1.82 5.69
C3 1P8 Q . -10.59 0.51 6.11
O8 1P8 R . 1.00 1.31 3.75
O8 1P8 R . -6.94 -2.13 2.90
C7 1P8 R . 0.63 0.94 4.87
C7 1P8 R . -6.38 -2.63 3.88
C6 1P8 R . 1.10 1.47 6.21
C6 1P8 R . -6.80 -3.86 4.65
N9 1P8 R . -0.26 -0.05 5.13
N9 1P8 R . -5.26 -2.16 4.50
C10 1P8 R . -0.61 -0.10 6.49
C10 1P8 R . -5.22 -2.61 5.82
C11 1P8 R . -1.56 -0.87 7.11
C11 1P8 R . -4.44 -2.15 6.87
C2 1P8 R . -1.68 -0.71 8.48
C2 1P8 R . -4.65 -2.75 8.10
BR1 1P8 R . -2.98 -1.76 9.40
BR1 1P8 R . -3.63 -2.19 9.61
C5 1P8 R . 0.19 0.81 7.20
C5 1P8 R . -6.14 -3.63 5.98
C4 1P8 R . 0.04 0.94 8.56
C4 1P8 R . -6.31 -4.22 7.21
C3 1P8 R . -0.91 0.17 9.21
C3 1P8 R . -5.55 -3.79 8.28
#